data_6O3S
#
_entry.id   6O3S
#
_entity_poly.entity_id   1
_entity_poly.type   'polypeptide(L)'
_entity_poly.pdbx_seq_one_letter_code
;PRGSPRTEYEACRVRCQVAEHGVERQRRCQQVCEKRLREREGRREVD
;
_entity_poly.pdbx_strand_id   A
#
# COMPACT_ATOMS: atom_id res chain seq x y z
N PRO A 1 -11.11 12.74 -2.77
CA PRO A 1 -11.07 12.04 -1.51
C PRO A 1 -9.98 12.65 -0.67
N ARG A 2 -9.77 12.14 0.52
CA ARG A 2 -8.75 12.68 1.40
C ARG A 2 -7.71 11.63 1.70
N GLY A 3 -6.71 12.00 2.44
CA GLY A 3 -5.68 11.08 2.80
C GLY A 3 -4.35 11.75 2.91
N SER A 4 -3.38 10.97 3.21
CA SER A 4 -2.03 11.39 3.36
C SER A 4 -1.17 10.48 2.42
N PRO A 5 0.16 10.63 2.29
CA PRO A 5 0.97 9.82 1.35
C PRO A 5 1.20 8.37 1.80
N ARG A 6 0.64 8.02 2.90
CA ARG A 6 0.78 6.68 3.46
C ARG A 6 -0.48 5.87 3.28
N THR A 7 -1.56 6.58 3.14
CA THR A 7 -2.90 6.07 3.12
C THR A 7 -3.11 4.86 2.19
N GLU A 8 -2.67 4.93 0.95
CA GLU A 8 -2.91 3.83 -0.01
C GLU A 8 -2.27 2.54 0.45
N TYR A 9 -1.07 2.67 0.97
CA TYR A 9 -0.30 1.57 1.41
C TYR A 9 -0.91 1.00 2.69
N GLU A 10 -1.14 1.88 3.62
CA GLU A 10 -1.68 1.57 4.92
C GLU A 10 -3.07 0.94 4.81
N ALA A 11 -3.95 1.59 4.05
CA ALA A 11 -5.31 1.12 3.85
C ALA A 11 -5.33 -0.22 3.15
N CYS A 12 -4.34 -0.45 2.31
CA CYS A 12 -4.21 -1.71 1.59
C CYS A 12 -3.95 -2.84 2.58
N ARG A 13 -3.04 -2.58 3.53
CA ARG A 13 -2.70 -3.57 4.54
C ARG A 13 -3.90 -3.83 5.43
N VAL A 14 -4.61 -2.77 5.80
CA VAL A 14 -5.82 -2.88 6.62
C VAL A 14 -6.91 -3.67 5.87
N ARG A 15 -7.11 -3.32 4.60
CA ARG A 15 -8.11 -3.96 3.74
C ARG A 15 -7.90 -5.46 3.72
N CYS A 16 -6.69 -5.84 3.38
CA CYS A 16 -6.35 -7.23 3.28
C CYS A 16 -6.21 -7.91 4.64
N GLN A 17 -6.12 -7.14 5.70
CA GLN A 17 -6.03 -7.72 7.02
C GLN A 17 -7.41 -8.17 7.46
N VAL A 18 -8.40 -7.38 7.10
CA VAL A 18 -9.77 -7.69 7.46
C VAL A 18 -10.37 -8.66 6.44
N ALA A 19 -10.29 -8.29 5.17
CA ALA A 19 -10.93 -9.04 4.10
C ALA A 19 -10.21 -10.34 3.74
N GLU A 20 -8.89 -10.33 3.73
CA GLU A 20 -8.15 -11.52 3.33
C GLU A 20 -7.80 -12.37 4.54
N HIS A 21 -7.02 -11.78 5.44
CA HIS A 21 -6.49 -12.46 6.64
C HIS A 21 -5.73 -13.75 6.26
N GLY A 22 -4.48 -13.58 5.95
CA GLY A 22 -3.65 -14.67 5.58
C GLY A 22 -2.31 -14.18 5.12
N VAL A 23 -1.27 -14.96 5.37
CA VAL A 23 0.09 -14.55 5.06
C VAL A 23 0.32 -14.37 3.58
N GLU A 24 -0.10 -15.34 2.79
CA GLU A 24 0.12 -15.34 1.37
C GLU A 24 -0.61 -14.16 0.72
N ARG A 25 -1.82 -13.94 1.16
CA ARG A 25 -2.63 -12.86 0.67
C ARG A 25 -2.11 -11.51 1.14
N GLN A 26 -1.55 -11.49 2.34
CA GLN A 26 -0.94 -10.29 2.90
C GLN A 26 0.29 -9.93 2.08
N ARG A 27 1.08 -10.94 1.72
CA ARG A 27 2.26 -10.76 0.87
C ARG A 27 1.86 -10.13 -0.45
N ARG A 28 0.81 -10.68 -1.04
CA ARG A 28 0.27 -10.24 -2.33
C ARG A 28 -0.08 -8.75 -2.28
N CYS A 29 -0.93 -8.39 -1.32
CA CYS A 29 -1.38 -7.01 -1.16
C CYS A 29 -0.21 -6.10 -0.85
N GLN A 30 0.65 -6.54 0.05
CA GLN A 30 1.81 -5.76 0.43
C GLN A 30 2.70 -5.51 -0.76
N GLN A 31 3.01 -6.56 -1.50
CA GLN A 31 3.92 -6.49 -2.64
C GLN A 31 3.46 -5.45 -3.68
N VAL A 32 2.17 -5.40 -3.94
CA VAL A 32 1.69 -4.45 -4.92
C VAL A 32 1.57 -3.05 -4.32
N CYS A 33 1.01 -2.94 -3.14
CA CYS A 33 0.77 -1.65 -2.51
C CYS A 33 2.05 -0.98 -2.01
N GLU A 34 3.01 -1.77 -1.57
CA GLU A 34 4.29 -1.26 -1.13
C GLU A 34 5.03 -0.71 -2.33
N LYS A 35 4.92 -1.43 -3.45
CA LYS A 35 5.58 -1.00 -4.67
C LYS A 35 4.90 0.25 -5.19
N ARG A 36 3.56 0.27 -5.17
CA ARG A 36 2.77 1.45 -5.56
C ARG A 36 3.18 2.66 -4.75
N LEU A 37 3.33 2.44 -3.45
CA LEU A 37 3.74 3.47 -2.51
C LEU A 37 5.14 3.97 -2.87
N ARG A 38 6.08 3.05 -2.93
CA ARG A 38 7.48 3.37 -3.15
C ARG A 38 7.71 4.01 -4.52
N GLU A 39 7.02 3.53 -5.54
CA GLU A 39 7.17 4.10 -6.87
C GLU A 39 6.53 5.48 -6.95
N ARG A 40 5.43 5.66 -6.23
CA ARG A 40 4.75 6.96 -6.23
C ARG A 40 5.57 7.97 -5.47
N GLU A 41 5.93 7.63 -4.25
CA GLU A 41 6.71 8.53 -3.41
C GLU A 41 8.09 8.73 -4.00
N GLY A 42 8.61 7.72 -4.67
CA GLY A 42 9.90 7.84 -5.32
C GLY A 42 9.84 8.75 -6.52
N ARG A 43 8.67 8.84 -7.10
CA ARG A 43 8.39 9.70 -8.25
C ARG A 43 8.02 11.10 -7.76
N ARG A 44 7.91 11.24 -6.47
CA ARG A 44 7.61 12.49 -5.85
C ARG A 44 8.84 13.03 -5.15
N GLU A 45 8.72 14.22 -4.64
CA GLU A 45 9.80 14.85 -3.95
C GLU A 45 9.36 15.11 -2.51
N VAL A 46 10.00 14.44 -1.59
CA VAL A 46 9.63 14.52 -0.19
C VAL A 46 10.39 15.67 0.47
N ASP A 47 9.74 16.34 1.39
CA ASP A 47 10.37 17.44 2.11
C ASP A 47 10.97 16.93 3.40
N PRO A 1 -1.82 14.95 9.49
CA PRO A 1 -1.77 14.26 8.22
C PRO A 1 -0.60 14.80 7.43
N ARG A 2 -0.24 14.11 6.38
CA ARG A 2 0.84 14.51 5.52
C ARG A 2 0.44 14.23 4.09
N GLY A 3 1.29 14.58 3.16
CA GLY A 3 1.01 14.31 1.76
C GLY A 3 1.43 12.91 1.39
N SER A 4 2.04 12.25 2.36
CA SER A 4 2.52 10.90 2.27
C SER A 4 1.40 9.93 1.84
N PRO A 5 1.53 9.33 0.64
CA PRO A 5 0.53 8.42 0.08
C PRO A 5 0.57 7.05 0.72
N ARG A 6 1.49 6.89 1.66
CA ARG A 6 1.63 5.64 2.41
C ARG A 6 0.34 5.27 3.12
N THR A 7 -0.49 6.23 3.36
CA THR A 7 -1.79 6.04 3.96
C THR A 7 -2.64 5.01 3.16
N GLU A 8 -2.64 5.15 1.84
CA GLU A 8 -3.33 4.22 0.94
C GLU A 8 -2.71 2.84 1.03
N TYR A 9 -1.42 2.85 1.13
CA TYR A 9 -0.59 1.68 1.20
C TYR A 9 -0.82 0.93 2.53
N GLU A 10 -0.85 1.66 3.63
CA GLU A 10 -1.05 1.06 4.94
C GLU A 10 -2.48 0.58 5.08
N ALA A 11 -3.41 1.33 4.50
CA ALA A 11 -4.82 0.93 4.49
C ALA A 11 -4.96 -0.38 3.73
N CYS A 12 -4.21 -0.52 2.65
CA CYS A 12 -4.17 -1.73 1.85
C CYS A 12 -3.76 -2.94 2.69
N ARG A 13 -2.77 -2.74 3.55
CA ARG A 13 -2.26 -3.81 4.39
C ARG A 13 -3.33 -4.28 5.36
N VAL A 14 -3.88 -3.35 6.13
CA VAL A 14 -4.91 -3.68 7.13
C VAL A 14 -6.17 -4.23 6.46
N ARG A 15 -6.48 -3.68 5.30
CA ARG A 15 -7.60 -4.11 4.46
C ARG A 15 -7.49 -5.60 4.18
N CYS A 16 -6.34 -6.00 3.70
CA CYS A 16 -6.11 -7.38 3.35
C CYS A 16 -6.10 -8.29 4.56
N GLN A 17 -5.74 -7.76 5.72
CA GLN A 17 -5.75 -8.54 6.96
C GLN A 17 -7.18 -8.92 7.31
N VAL A 18 -8.10 -8.01 7.05
CA VAL A 18 -9.50 -8.21 7.37
C VAL A 18 -10.24 -8.91 6.22
N ALA A 19 -10.19 -8.29 5.05
CA ALA A 19 -10.94 -8.74 3.89
C ALA A 19 -10.37 -9.99 3.25
N GLU A 20 -9.07 -10.00 2.98
CA GLU A 20 -8.44 -11.13 2.31
C GLU A 20 -8.30 -12.29 3.27
N HIS A 21 -7.76 -11.97 4.46
CA HIS A 21 -7.52 -12.93 5.56
C HIS A 21 -6.53 -14.02 5.13
N GLY A 22 -5.31 -13.88 5.57
CA GLY A 22 -4.27 -14.82 5.22
C GLY A 22 -2.93 -14.15 5.25
N VAL A 23 -1.90 -14.93 5.48
CA VAL A 23 -0.55 -14.40 5.59
C VAL A 23 -0.03 -13.97 4.21
N GLU A 24 -0.07 -14.89 3.26
CA GLU A 24 0.42 -14.63 1.90
C GLU A 24 -0.47 -13.58 1.23
N ARG A 25 -1.74 -13.57 1.61
CA ARG A 25 -2.69 -12.57 1.14
C ARG A 25 -2.19 -11.18 1.48
N GLN A 26 -1.83 -10.98 2.73
CA GLN A 26 -1.33 -9.69 3.19
C GLN A 26 -0.01 -9.36 2.52
N ARG A 27 0.88 -10.33 2.47
CA ARG A 27 2.20 -10.15 1.88
C ARG A 27 2.11 -9.79 0.41
N ARG A 28 1.17 -10.38 -0.29
CA ARG A 28 0.98 -10.06 -1.68
C ARG A 28 0.40 -8.66 -1.84
N CYS A 29 -0.54 -8.28 -0.95
CA CYS A 29 -1.07 -6.93 -0.94
C CYS A 29 0.05 -5.94 -0.67
N GLN A 30 0.96 -6.31 0.24
CA GLN A 30 2.13 -5.52 0.53
C GLN A 30 2.90 -5.26 -0.75
N GLN A 31 3.23 -6.32 -1.46
CA GLN A 31 3.99 -6.23 -2.71
C GLN A 31 3.32 -5.30 -3.72
N VAL A 32 2.04 -5.52 -3.95
CA VAL A 32 1.28 -4.74 -4.92
C VAL A 32 1.17 -3.27 -4.49
N CYS A 33 0.78 -3.05 -3.26
CA CYS A 33 0.57 -1.71 -2.77
C CYS A 33 1.88 -0.98 -2.50
N GLU A 34 2.94 -1.72 -2.21
CA GLU A 34 4.27 -1.12 -2.02
C GLU A 34 4.80 -0.67 -3.35
N LYS A 35 4.57 -1.50 -4.38
CA LYS A 35 4.98 -1.17 -5.72
C LYS A 35 4.25 0.09 -6.17
N ARG A 36 2.96 0.15 -5.85
CA ARG A 36 2.16 1.32 -6.14
C ARG A 36 2.60 2.53 -5.30
N LEU A 37 3.01 2.29 -4.06
CA LEU A 37 3.55 3.34 -3.22
C LEU A 37 4.84 3.87 -3.83
N ARG A 38 5.64 2.96 -4.35
CA ARG A 38 6.91 3.29 -4.96
C ARG A 38 6.71 4.15 -6.23
N GLU A 39 5.58 3.98 -6.89
CA GLU A 39 5.24 4.83 -8.04
C GLU A 39 5.00 6.25 -7.54
N ARG A 40 4.29 6.33 -6.42
CA ARG A 40 3.98 7.61 -5.79
C ARG A 40 5.27 8.26 -5.28
N GLU A 41 6.15 7.42 -4.75
CA GLU A 41 7.49 7.82 -4.31
C GLU A 41 8.22 8.47 -5.46
N GLY A 42 8.19 7.81 -6.61
CA GLY A 42 8.84 8.28 -7.80
C GLY A 42 8.22 9.55 -8.36
N ARG A 43 6.97 9.81 -8.02
CA ARG A 43 6.27 10.97 -8.52
C ARG A 43 6.86 12.27 -7.94
N ARG A 44 7.44 12.18 -6.76
CA ARG A 44 8.02 13.39 -6.14
C ARG A 44 9.50 13.47 -6.51
N GLU A 45 9.80 12.95 -7.71
CA GLU A 45 11.13 12.98 -8.27
C GLU A 45 11.65 14.40 -8.35
N VAL A 46 12.89 14.58 -8.03
CA VAL A 46 13.47 15.89 -8.07
C VAL A 46 14.14 16.14 -9.41
N ASP A 47 13.41 16.74 -10.28
CA ASP A 47 13.93 17.12 -11.56
C ASP A 47 14.50 18.52 -11.45
N PRO A 1 -10.45 16.03 2.79
CA PRO A 1 -9.06 16.02 2.43
C PRO A 1 -8.66 14.61 2.01
N ARG A 2 -7.44 14.43 1.60
CA ARG A 2 -6.94 13.13 1.22
C ARG A 2 -6.10 12.57 2.34
N GLY A 3 -5.64 11.37 2.20
CA GLY A 3 -4.83 10.77 3.20
C GLY A 3 -3.37 10.92 2.89
N SER A 4 -2.56 10.80 3.88
CA SER A 4 -1.14 10.87 3.72
C SER A 4 -0.66 9.60 2.97
N PRO A 5 0.34 9.71 2.08
CA PRO A 5 0.84 8.58 1.29
C PRO A 5 1.23 7.36 2.14
N ARG A 6 1.86 7.59 3.28
CA ARG A 6 2.31 6.49 4.13
C ARG A 6 1.11 5.75 4.71
N THR A 7 0.08 6.51 5.08
CA THR A 7 -1.12 5.93 5.62
C THR A 7 -1.96 5.24 4.53
N GLU A 8 -1.85 5.76 3.30
CA GLU A 8 -2.53 5.19 2.14
C GLU A 8 -2.01 3.75 1.94
N TYR A 9 -0.72 3.62 2.06
CA TYR A 9 -0.03 2.39 1.95
C TYR A 9 -0.44 1.45 3.09
N GLU A 10 -0.45 1.97 4.31
CA GLU A 10 -0.84 1.20 5.48
C GLU A 10 -2.28 0.70 5.35
N ALA A 11 -3.18 1.59 4.97
CA ALA A 11 -4.59 1.28 4.82
C ALA A 11 -4.80 0.15 3.84
N CYS A 12 -4.04 0.17 2.76
CA CYS A 12 -4.12 -0.86 1.73
C CYS A 12 -3.75 -2.23 2.33
N ARG A 13 -2.75 -2.23 3.21
CA ARG A 13 -2.30 -3.43 3.88
C ARG A 13 -3.40 -3.92 4.82
N VAL A 14 -3.90 -3.00 5.65
CA VAL A 14 -4.94 -3.29 6.63
C VAL A 14 -6.21 -3.81 5.95
N ARG A 15 -6.52 -3.24 4.79
CA ARG A 15 -7.65 -3.66 3.97
C ARG A 15 -7.57 -5.17 3.70
N CYS A 16 -6.45 -5.61 3.16
CA CYS A 16 -6.26 -7.04 2.89
C CYS A 16 -6.12 -7.88 4.16
N GLN A 17 -5.56 -7.30 5.22
CA GLN A 17 -5.42 -7.98 6.51
C GLN A 17 -6.77 -8.36 7.09
N VAL A 18 -7.76 -7.56 6.79
CA VAL A 18 -9.11 -7.81 7.23
C VAL A 18 -9.84 -8.69 6.23
N ALA A 19 -9.88 -8.26 4.98
CA ALA A 19 -10.64 -8.95 3.94
C ALA A 19 -10.09 -10.33 3.59
N GLU A 20 -8.85 -10.38 3.15
CA GLU A 20 -8.24 -11.62 2.71
C GLU A 20 -7.96 -12.53 3.89
N HIS A 21 -7.31 -11.96 4.90
CA HIS A 21 -6.93 -12.63 6.14
C HIS A 21 -6.12 -13.91 5.88
N GLY A 22 -4.85 -13.74 5.71
CA GLY A 22 -3.97 -14.84 5.45
C GLY A 22 -2.62 -14.34 5.04
N VAL A 23 -1.60 -15.04 5.46
CA VAL A 23 -0.21 -14.65 5.26
C VAL A 23 0.14 -14.46 3.77
N GLU A 24 -0.27 -15.42 2.94
CA GLU A 24 0.04 -15.41 1.51
C GLU A 24 -0.55 -14.14 0.88
N ARG A 25 -1.84 -13.95 1.07
CA ARG A 25 -2.56 -12.83 0.47
C ARG A 25 -2.17 -11.50 1.11
N GLN A 26 -1.81 -11.53 2.37
CA GLN A 26 -1.36 -10.34 3.07
C GLN A 26 -0.06 -9.86 2.46
N ARG A 27 0.88 -10.79 2.32
CA ARG A 27 2.17 -10.52 1.70
C ARG A 27 1.97 -10.08 0.25
N ARG A 28 1.01 -10.73 -0.39
CA ARG A 28 0.64 -10.46 -1.76
C ARG A 28 0.20 -9.02 -1.88
N CYS A 29 -0.82 -8.64 -1.12
CA CYS A 29 -1.32 -7.28 -1.10
C CYS A 29 -0.26 -6.29 -0.67
N GLN A 30 0.47 -6.62 0.40
CA GLN A 30 1.49 -5.74 0.95
C GLN A 30 2.49 -5.33 -0.12
N GLN A 31 2.99 -6.31 -0.87
CA GLN A 31 3.95 -6.04 -1.92
C GLN A 31 3.33 -5.19 -3.03
N VAL A 32 2.07 -5.47 -3.36
CA VAL A 32 1.36 -4.71 -4.39
C VAL A 32 1.12 -3.27 -3.91
N CYS A 33 0.64 -3.13 -2.68
CA CYS A 33 0.36 -1.81 -2.11
C CYS A 33 1.65 -1.01 -1.97
N GLU A 34 2.75 -1.70 -1.70
CA GLU A 34 4.07 -1.09 -1.60
C GLU A 34 4.50 -0.57 -2.96
N LYS A 35 4.27 -1.38 -3.99
CA LYS A 35 4.59 -1.02 -5.36
C LYS A 35 3.73 0.16 -5.80
N ARG A 36 2.44 0.11 -5.40
CA ARG A 36 1.50 1.19 -5.67
C ARG A 36 1.95 2.46 -4.98
N LEU A 37 2.40 2.33 -3.75
CA LEU A 37 2.91 3.46 -2.96
C LEU A 37 4.12 4.10 -3.64
N ARG A 38 5.01 3.25 -4.13
CA ARG A 38 6.23 3.70 -4.77
C ARG A 38 5.91 4.56 -6.00
N GLU A 39 4.95 4.14 -6.80
CA GLU A 39 4.54 4.92 -7.96
C GLU A 39 3.60 6.08 -7.58
N ARG A 40 2.88 5.89 -6.47
CA ARG A 40 1.95 6.90 -5.92
C ARG A 40 2.70 8.17 -5.65
N GLU A 41 3.73 8.06 -4.83
CA GLU A 41 4.56 9.20 -4.51
C GLU A 41 5.46 9.52 -5.66
N GLY A 42 6.00 8.47 -6.29
CA GLY A 42 6.96 8.60 -7.39
C GLY A 42 6.46 9.38 -8.59
N ARG A 43 5.15 9.53 -8.69
CA ARG A 43 4.54 10.33 -9.73
C ARG A 43 4.92 11.80 -9.55
N ARG A 44 5.11 12.19 -8.30
CA ARG A 44 5.46 13.55 -7.97
C ARG A 44 6.89 13.61 -7.45
N GLU A 45 7.19 12.77 -6.47
CA GLU A 45 8.47 12.73 -5.84
C GLU A 45 9.41 11.92 -6.71
N VAL A 46 10.27 12.58 -7.41
CA VAL A 46 11.22 11.93 -8.26
C VAL A 46 12.53 11.82 -7.52
N ASP A 47 12.80 10.66 -6.99
CA ASP A 47 14.00 10.42 -6.25
C ASP A 47 14.75 9.26 -6.88
N PRO A 1 -3.22 15.73 3.32
CA PRO A 1 -3.08 14.46 2.66
C PRO A 1 -4.23 14.24 1.72
N ARG A 2 -3.89 13.84 0.52
CA ARG A 2 -4.83 13.49 -0.51
C ARG A 2 -4.02 12.89 -1.64
N GLY A 3 -4.02 11.58 -1.73
CA GLY A 3 -3.20 10.91 -2.70
C GLY A 3 -1.80 10.74 -2.16
N SER A 4 -1.72 10.24 -0.96
CA SER A 4 -0.48 10.08 -0.26
C SER A 4 0.03 8.63 -0.42
N PRO A 5 1.37 8.46 -0.57
CA PRO A 5 2.00 7.15 -0.83
C PRO A 5 1.77 6.10 0.26
N ARG A 6 1.77 6.50 1.51
CA ARG A 6 1.75 5.53 2.59
C ARG A 6 0.35 5.25 2.97
N THR A 7 -0.49 6.17 2.66
CA THR A 7 -1.87 6.08 2.92
C THR A 7 -2.50 4.98 2.06
N GLU A 8 -2.14 4.97 0.77
CA GLU A 8 -2.58 3.93 -0.17
C GLU A 8 -2.09 2.57 0.33
N TYR A 9 -0.85 2.58 0.73
CA TYR A 9 -0.12 1.45 1.19
C TYR A 9 -0.72 0.86 2.47
N GLU A 10 -0.86 1.67 3.49
CA GLU A 10 -1.33 1.23 4.79
C GLU A 10 -2.78 0.77 4.73
N ALA A 11 -3.61 1.49 3.96
CA ALA A 11 -5.01 1.12 3.81
C ALA A 11 -5.10 -0.25 3.17
N CYS A 12 -4.18 -0.53 2.27
CA CYS A 12 -4.08 -1.81 1.60
C CYS A 12 -3.72 -2.91 2.60
N ARG A 13 -2.82 -2.59 3.52
CA ARG A 13 -2.38 -3.54 4.53
C ARG A 13 -3.51 -3.86 5.48
N VAL A 14 -4.22 -2.83 5.93
CA VAL A 14 -5.35 -3.00 6.84
C VAL A 14 -6.46 -3.79 6.15
N ARG A 15 -6.74 -3.42 4.91
CA ARG A 15 -7.78 -4.03 4.09
C ARG A 15 -7.58 -5.52 3.98
N CYS A 16 -6.41 -5.92 3.53
CA CYS A 16 -6.12 -7.33 3.34
C CYS A 16 -5.98 -8.08 4.66
N GLN A 17 -5.59 -7.37 5.72
CA GLN A 17 -5.49 -7.93 7.06
C GLN A 17 -6.90 -8.35 7.54
N VAL A 18 -7.91 -7.67 7.04
CA VAL A 18 -9.28 -7.98 7.38
C VAL A 18 -9.90 -8.91 6.31
N ALA A 19 -9.96 -8.41 5.08
CA ALA A 19 -10.65 -9.06 3.97
C ALA A 19 -10.05 -10.41 3.57
N GLU A 20 -8.76 -10.43 3.30
CA GLU A 20 -8.11 -11.61 2.78
C GLU A 20 -8.03 -12.70 3.82
N HIS A 21 -7.52 -12.32 4.99
CA HIS A 21 -7.32 -13.21 6.13
C HIS A 21 -6.39 -14.36 5.74
N GLY A 22 -5.14 -14.03 5.63
CA GLY A 22 -4.12 -14.98 5.27
C GLY A 22 -2.83 -14.27 5.05
N VAL A 23 -1.76 -14.83 5.54
CA VAL A 23 -0.43 -14.23 5.48
C VAL A 23 0.00 -13.99 4.04
N GLU A 24 -0.11 -15.03 3.24
CA GLU A 24 0.27 -15.02 1.83
C GLU A 24 -0.49 -13.92 1.09
N ARG A 25 -1.81 -13.92 1.28
CA ARG A 25 -2.69 -12.97 0.62
C ARG A 25 -2.39 -11.55 1.04
N GLN A 26 -2.09 -11.36 2.31
CA GLN A 26 -1.79 -10.06 2.83
C GLN A 26 -0.48 -9.55 2.27
N ARG A 27 0.53 -10.43 2.22
CA ARG A 27 1.84 -10.06 1.67
C ARG A 27 1.73 -9.74 0.20
N ARG A 28 0.84 -10.44 -0.49
CA ARG A 28 0.57 -10.15 -1.90
C ARG A 28 0.09 -8.73 -2.05
N CYS A 29 -0.86 -8.34 -1.22
CA CYS A 29 -1.36 -6.99 -1.21
C CYS A 29 -0.23 -6.02 -0.91
N GLN A 30 0.52 -6.33 0.13
CA GLN A 30 1.60 -5.48 0.59
C GLN A 30 2.65 -5.28 -0.49
N GLN A 31 2.99 -6.33 -1.24
CA GLN A 31 4.00 -6.21 -2.29
C GLN A 31 3.52 -5.27 -3.41
N VAL A 32 2.27 -5.44 -3.83
CA VAL A 32 1.70 -4.61 -4.89
C VAL A 32 1.54 -3.17 -4.41
N CYS A 33 1.07 -3.02 -3.20
CA CYS A 33 0.87 -1.72 -2.64
C CYS A 33 2.17 -1.05 -2.21
N GLU A 34 3.23 -1.85 -2.09
CA GLU A 34 4.57 -1.34 -1.82
C GLU A 34 5.10 -0.70 -3.09
N LYS A 35 4.73 -1.27 -4.23
CA LYS A 35 5.09 -0.69 -5.50
C LYS A 35 4.42 0.65 -5.64
N ARG A 36 3.11 0.68 -5.36
CA ARG A 36 2.30 1.90 -5.40
C ARG A 36 2.86 2.93 -4.41
N LEU A 37 3.31 2.44 -3.26
CA LEU A 37 3.96 3.24 -2.22
C LEU A 37 5.16 3.99 -2.80
N ARG A 38 6.11 3.22 -3.32
CA ARG A 38 7.35 3.78 -3.83
C ARG A 38 7.15 4.61 -5.06
N GLU A 39 6.24 4.19 -5.92
CA GLU A 39 5.93 4.91 -7.13
C GLU A 39 5.33 6.26 -6.83
N ARG A 40 4.36 6.30 -5.94
CA ARG A 40 3.68 7.54 -5.64
C ARG A 40 4.63 8.52 -4.96
N GLU A 41 5.46 8.01 -4.06
CA GLU A 41 6.41 8.88 -3.40
C GLU A 41 7.55 9.27 -4.35
N GLY A 42 7.95 8.36 -5.24
CA GLY A 42 9.04 8.63 -6.17
C GLY A 42 8.62 9.60 -7.26
N ARG A 43 7.34 9.64 -7.53
CA ARG A 43 6.80 10.57 -8.49
C ARG A 43 6.54 11.93 -7.86
N ARG A 44 6.17 11.93 -6.59
CA ARG A 44 5.95 13.17 -5.88
C ARG A 44 7.30 13.80 -5.51
N GLU A 45 8.22 12.98 -5.12
CA GLU A 45 9.54 13.42 -4.80
C GLU A 45 10.42 13.28 -6.02
N VAL A 46 10.52 14.34 -6.76
CA VAL A 46 11.28 14.33 -7.98
C VAL A 46 12.76 14.40 -7.67
N ASP A 47 13.50 13.61 -8.37
CA ASP A 47 14.93 13.58 -8.26
C ASP A 47 15.48 13.76 -9.62
N PRO A 1 -5.79 15.17 4.35
CA PRO A 1 -5.75 14.37 5.53
C PRO A 1 -4.41 13.65 5.62
N ARG A 2 -4.06 13.22 6.83
CA ARG A 2 -2.79 12.56 7.14
C ARG A 2 -1.61 13.52 6.98
N GLY A 3 -0.44 13.00 7.22
CA GLY A 3 0.76 13.75 7.03
C GLY A 3 1.73 12.97 6.22
N SER A 4 1.86 11.71 6.54
CA SER A 4 2.74 10.83 5.85
C SER A 4 1.95 10.01 4.81
N PRO A 5 2.27 10.15 3.49
CA PRO A 5 1.56 9.43 2.40
C PRO A 5 1.69 7.90 2.48
N ARG A 6 2.63 7.41 3.30
CA ARG A 6 2.82 5.97 3.54
C ARG A 6 1.56 5.34 4.14
N THR A 7 0.71 6.16 4.69
CA THR A 7 -0.55 5.72 5.27
C THR A 7 -1.43 5.02 4.23
N GLU A 8 -1.31 5.41 2.97
CA GLU A 8 -2.05 4.77 1.87
C GLU A 8 -1.62 3.31 1.76
N TYR A 9 -0.33 3.12 1.88
CA TYR A 9 0.29 1.83 1.82
C TYR A 9 -0.18 0.98 2.99
N GLU A 10 -0.16 1.57 4.17
CA GLU A 10 -0.59 0.92 5.39
C GLU A 10 -2.08 0.57 5.33
N ALA A 11 -2.88 1.52 4.87
CA ALA A 11 -4.33 1.35 4.77
C ALA A 11 -4.66 0.21 3.81
N CYS A 12 -3.91 0.13 2.76
CA CYS A 12 -4.08 -0.91 1.78
C CYS A 12 -3.71 -2.30 2.40
N ARG A 13 -2.66 -2.31 3.23
CA ARG A 13 -2.23 -3.52 3.92
C ARG A 13 -3.28 -4.03 4.89
N VAL A 14 -3.77 -3.14 5.74
CA VAL A 14 -4.75 -3.50 6.78
C VAL A 14 -6.11 -3.84 6.16
N ARG A 15 -6.37 -3.26 5.01
CA ARG A 15 -7.57 -3.58 4.25
C ARG A 15 -7.54 -5.07 3.92
N CYS A 16 -6.39 -5.52 3.45
CA CYS A 16 -6.18 -6.91 3.13
C CYS A 16 -6.17 -7.80 4.37
N GLN A 17 -5.86 -7.23 5.52
CA GLN A 17 -5.86 -7.98 6.77
C GLN A 17 -7.29 -8.44 7.09
N VAL A 18 -8.24 -7.55 6.89
CA VAL A 18 -9.61 -7.87 7.19
C VAL A 18 -10.34 -8.54 6.00
N ALA A 19 -10.03 -8.11 4.79
CA ALA A 19 -10.69 -8.63 3.59
C ALA A 19 -10.07 -9.92 3.07
N GLU A 20 -8.79 -9.89 2.79
CA GLU A 20 -8.10 -11.06 2.24
C GLU A 20 -7.89 -12.09 3.31
N HIS A 21 -7.20 -11.67 4.37
CA HIS A 21 -6.93 -12.48 5.56
C HIS A 21 -6.19 -13.78 5.23
N GLY A 22 -4.89 -13.75 5.36
CA GLY A 22 -4.08 -14.92 5.13
C GLY A 22 -2.65 -14.51 4.97
N VAL A 23 -1.73 -15.40 5.30
CA VAL A 23 -0.30 -15.10 5.27
C VAL A 23 0.17 -14.70 3.87
N GLU A 24 -0.08 -15.57 2.90
CA GLU A 24 0.35 -15.30 1.53
C GLU A 24 -0.44 -14.15 0.93
N ARG A 25 -1.62 -13.90 1.49
CA ARG A 25 -2.49 -12.85 1.02
C ARG A 25 -1.98 -11.51 1.51
N GLN A 26 -1.58 -11.48 2.77
CA GLN A 26 -1.05 -10.31 3.41
C GLN A 26 0.25 -9.92 2.72
N ARG A 27 1.10 -10.92 2.51
CA ARG A 27 2.38 -10.73 1.80
C ARG A 27 2.15 -10.18 0.40
N ARG A 28 1.17 -10.75 -0.30
CA ARG A 28 0.81 -10.32 -1.64
C ARG A 28 0.43 -8.85 -1.61
N CYS A 29 -0.52 -8.51 -0.77
CA CYS A 29 -0.97 -7.15 -0.63
C CYS A 29 0.13 -6.23 -0.20
N GLN A 30 1.02 -6.70 0.64
CA GLN A 30 2.14 -5.90 1.07
C GLN A 30 2.99 -5.45 -0.12
N GLN A 31 3.26 -6.36 -1.04
CA GLN A 31 4.04 -6.06 -2.23
C GLN A 31 3.20 -5.19 -3.20
N VAL A 32 1.95 -5.58 -3.40
CA VAL A 32 1.06 -4.88 -4.33
C VAL A 32 0.76 -3.45 -3.84
N CYS A 33 0.51 -3.31 -2.58
CA CYS A 33 0.22 -2.02 -2.00
C CYS A 33 1.49 -1.17 -1.94
N GLU A 34 2.64 -1.82 -1.97
CA GLU A 34 3.90 -1.11 -2.01
C GLU A 34 4.13 -0.61 -3.43
N LYS A 35 3.63 -1.36 -4.40
CA LYS A 35 3.68 -0.96 -5.80
C LYS A 35 2.74 0.24 -5.97
N ARG A 36 1.61 0.19 -5.27
CA ARG A 36 0.63 1.27 -5.22
C ARG A 36 1.25 2.51 -4.57
N LEU A 37 1.99 2.29 -3.50
CA LEU A 37 2.69 3.34 -2.79
C LEU A 37 3.76 3.94 -3.70
N ARG A 38 4.40 3.08 -4.47
CA ARG A 38 5.40 3.49 -5.44
C ARG A 38 4.77 4.37 -6.53
N GLU A 39 3.50 4.16 -6.80
CA GLU A 39 2.75 5.01 -7.71
C GLU A 39 2.43 6.33 -7.01
N ARG A 40 1.92 6.21 -5.79
CA ARG A 40 1.53 7.35 -4.95
C ARG A 40 2.68 8.33 -4.82
N GLU A 41 3.84 7.81 -4.48
CA GLU A 41 5.02 8.61 -4.32
C GLU A 41 5.66 8.96 -5.65
N GLY A 42 5.70 8.01 -6.57
CA GLY A 42 6.36 8.19 -7.86
C GLY A 42 5.71 9.27 -8.72
N ARG A 43 4.42 9.45 -8.54
CA ARG A 43 3.69 10.48 -9.28
C ARG A 43 4.09 11.86 -8.76
N ARG A 44 4.56 11.91 -7.53
CA ARG A 44 4.98 13.14 -6.93
C ARG A 44 6.44 13.35 -7.18
N GLU A 45 7.25 12.46 -6.66
CA GLU A 45 8.68 12.56 -6.76
C GLU A 45 9.23 11.26 -7.29
N VAL A 46 10.25 11.35 -8.10
CA VAL A 46 10.94 10.16 -8.58
C VAL A 46 12.13 9.85 -7.67
N ASP A 47 12.24 10.66 -6.64
CA ASP A 47 13.28 10.53 -5.64
C ASP A 47 12.87 9.49 -4.63
N PRO A 1 -8.55 13.38 -4.06
CA PRO A 1 -8.37 14.58 -3.27
C PRO A 1 -6.92 14.69 -2.76
N ARG A 2 -6.47 13.73 -1.97
CA ARG A 2 -5.12 13.77 -1.43
C ARG A 2 -4.33 12.56 -1.89
N GLY A 3 -3.03 12.67 -1.84
CA GLY A 3 -2.18 11.59 -2.23
C GLY A 3 -1.18 11.28 -1.16
N SER A 4 -1.67 10.95 0.01
CA SER A 4 -0.82 10.62 1.12
C SER A 4 -0.27 9.19 0.93
N PRO A 5 1.05 9.02 0.96
CA PRO A 5 1.67 7.72 0.74
C PRO A 5 1.41 6.70 1.86
N ARG A 6 1.67 7.07 3.11
CA ARG A 6 1.60 6.11 4.21
C ARG A 6 0.20 5.60 4.49
N THR A 7 -0.79 6.44 4.33
CA THR A 7 -2.14 6.07 4.62
C THR A 7 -2.67 5.03 3.63
N GLU A 8 -2.52 5.30 2.35
CA GLU A 8 -2.98 4.41 1.28
C GLU A 8 -2.26 3.08 1.32
N TYR A 9 -0.99 3.15 1.64
CA TYR A 9 -0.17 1.99 1.73
C TYR A 9 -0.62 1.08 2.86
N GLU A 10 -0.76 1.67 4.04
CA GLU A 10 -1.12 0.92 5.22
C GLU A 10 -2.57 0.42 5.12
N ALA A 11 -3.42 1.22 4.48
CA ALA A 11 -4.81 0.86 4.27
C ALA A 11 -4.92 -0.44 3.52
N CYS A 12 -4.12 -0.58 2.47
CA CYS A 12 -4.09 -1.78 1.65
C CYS A 12 -3.75 -3.02 2.48
N ARG A 13 -2.80 -2.88 3.39
CA ARG A 13 -2.33 -4.00 4.18
C ARG A 13 -3.38 -4.44 5.16
N VAL A 14 -3.99 -3.49 5.85
CA VAL A 14 -5.04 -3.79 6.82
C VAL A 14 -6.28 -4.32 6.11
N ARG A 15 -6.58 -3.76 4.95
CA ARG A 15 -7.72 -4.17 4.13
C ARG A 15 -7.58 -5.66 3.85
N CYS A 16 -6.43 -6.06 3.37
CA CYS A 16 -6.21 -7.46 3.08
C CYS A 16 -6.03 -8.30 4.33
N GLN A 17 -5.59 -7.68 5.41
CA GLN A 17 -5.41 -8.40 6.65
C GLN A 17 -6.76 -8.82 7.23
N VAL A 18 -7.76 -7.97 7.10
CA VAL A 18 -9.08 -8.28 7.60
C VAL A 18 -9.99 -8.92 6.52
N ALA A 19 -9.97 -8.40 5.31
CA ALA A 19 -10.85 -8.90 4.26
C ALA A 19 -10.39 -10.22 3.70
N GLU A 20 -9.12 -10.31 3.38
CA GLU A 20 -8.57 -11.54 2.84
C GLU A 20 -8.34 -12.50 3.99
N HIS A 21 -7.60 -12.01 4.98
CA HIS A 21 -7.22 -12.77 6.18
C HIS A 21 -6.32 -13.94 5.76
N GLY A 22 -5.06 -13.68 5.75
CA GLY A 22 -4.10 -14.67 5.38
C GLY A 22 -2.81 -14.02 5.03
N VAL A 23 -1.74 -14.50 5.64
CA VAL A 23 -0.38 -13.95 5.47
C VAL A 23 -0.01 -13.84 4.00
N GLU A 24 -0.32 -14.88 3.22
CA GLU A 24 0.00 -14.91 1.81
C GLU A 24 -0.63 -13.73 1.07
N ARG A 25 -1.93 -13.51 1.26
CA ARG A 25 -2.63 -12.45 0.55
C ARG A 25 -2.28 -11.09 1.11
N GLN A 26 -2.06 -11.04 2.41
CA GLN A 26 -1.61 -9.81 3.08
C GLN A 26 -0.28 -9.35 2.48
N ARG A 27 0.62 -10.31 2.31
CA ARG A 27 1.92 -10.06 1.73
C ARG A 27 1.76 -9.69 0.25
N ARG A 28 0.90 -10.41 -0.46
CA ARG A 28 0.61 -10.14 -1.89
C ARG A 28 0.11 -8.72 -2.07
N CYS A 29 -0.82 -8.32 -1.24
CA CYS A 29 -1.35 -6.99 -1.26
C CYS A 29 -0.27 -5.98 -0.94
N GLN A 30 0.49 -6.21 0.14
CA GLN A 30 1.56 -5.31 0.54
C GLN A 30 2.58 -5.14 -0.57
N GLN A 31 3.01 -6.25 -1.17
CA GLN A 31 4.01 -6.25 -2.22
C GLN A 31 3.63 -5.28 -3.34
N VAL A 32 2.42 -5.42 -3.82
CA VAL A 32 1.93 -4.59 -4.92
C VAL A 32 1.66 -3.16 -4.45
N CYS A 33 0.95 -3.02 -3.35
CA CYS A 33 0.62 -1.70 -2.83
C CYS A 33 1.87 -0.90 -2.44
N GLU A 34 2.91 -1.60 -2.00
CA GLU A 34 4.17 -0.96 -1.67
C GLU A 34 4.89 -0.61 -2.93
N LYS A 35 4.82 -1.48 -3.93
CA LYS A 35 5.45 -1.26 -5.19
C LYS A 35 4.89 -0.03 -5.84
N ARG A 36 3.56 0.03 -5.99
CA ARG A 36 2.90 1.17 -6.64
C ARG A 36 3.22 2.47 -5.90
N LEU A 37 3.30 2.36 -4.58
CA LEU A 37 3.63 3.45 -3.72
C LEU A 37 5.06 3.91 -4.08
N ARG A 38 5.97 2.95 -4.10
CA ARG A 38 7.37 3.16 -4.39
C ARG A 38 7.57 3.71 -5.79
N GLU A 39 6.77 3.25 -6.75
CA GLU A 39 6.85 3.72 -8.14
C GLU A 39 6.61 5.22 -8.21
N ARG A 40 5.62 5.67 -7.48
CA ARG A 40 5.23 7.07 -7.49
C ARG A 40 6.26 7.92 -6.74
N GLU A 41 6.99 7.31 -5.83
CA GLU A 41 8.04 8.00 -5.11
C GLU A 41 9.33 7.99 -5.96
N GLY A 42 9.64 6.83 -6.52
CA GLY A 42 10.85 6.61 -7.30
C GLY A 42 10.91 7.41 -8.57
N ARG A 43 9.75 7.77 -9.11
CA ARG A 43 9.69 8.60 -10.30
C ARG A 43 10.15 10.04 -10.01
N ARG A 44 10.26 10.37 -8.73
CA ARG A 44 10.73 11.67 -8.32
C ARG A 44 12.18 11.54 -7.82
N GLU A 45 12.76 10.38 -8.07
CA GLU A 45 14.13 10.11 -7.71
C GLU A 45 14.92 9.83 -8.96
N VAL A 46 16.12 10.39 -9.04
CA VAL A 46 17.03 10.27 -10.20
C VAL A 46 16.45 11.00 -11.41
N ASP A 47 16.86 12.23 -11.59
CA ASP A 47 16.38 13.05 -12.68
C ASP A 47 17.54 13.42 -13.54
N PRO A 1 -4.26 20.98 0.49
CA PRO A 1 -3.69 20.52 1.74
C PRO A 1 -4.01 19.06 1.89
N ARG A 2 -3.34 18.38 2.84
CA ARG A 2 -3.50 16.95 3.09
C ARG A 2 -2.99 16.12 1.90
N GLY A 3 -1.84 15.55 2.06
CA GLY A 3 -1.26 14.77 1.00
C GLY A 3 -0.31 13.74 1.54
N SER A 4 -0.82 12.80 2.27
CA SER A 4 0.00 11.75 2.79
C SER A 4 -0.36 10.43 2.10
N PRO A 5 0.47 9.98 1.12
CA PRO A 5 0.21 8.75 0.34
C PRO A 5 0.06 7.50 1.23
N ARG A 6 0.60 7.59 2.45
CA ARG A 6 0.51 6.50 3.41
C ARG A 6 -0.93 6.14 3.73
N THR A 7 -1.83 7.11 3.72
CA THR A 7 -3.23 6.84 4.05
C THR A 7 -3.85 5.81 3.09
N GLU A 8 -3.58 5.99 1.81
CA GLU A 8 -4.04 5.10 0.76
C GLU A 8 -3.38 3.73 0.90
N TYR A 9 -2.08 3.79 1.10
CA TYR A 9 -1.23 2.64 1.23
C TYR A 9 -1.59 1.79 2.44
N GLU A 10 -1.73 2.43 3.58
CA GLU A 10 -2.06 1.77 4.80
C GLU A 10 -3.46 1.17 4.71
N ALA A 11 -4.39 1.91 4.09
CA ALA A 11 -5.75 1.41 3.91
C ALA A 11 -5.76 0.18 3.00
N CYS A 12 -4.82 0.16 2.06
CA CYS A 12 -4.65 -0.96 1.15
C CYS A 12 -4.20 -2.19 1.96
N ARG A 13 -3.22 -1.97 2.84
CA ARG A 13 -2.69 -3.02 3.70
C ARG A 13 -3.76 -3.51 4.69
N VAL A 14 -4.42 -2.55 5.34
CA VAL A 14 -5.48 -2.85 6.31
C VAL A 14 -6.63 -3.61 5.66
N ARG A 15 -6.97 -3.26 4.42
CA ARG A 15 -8.01 -3.95 3.68
C ARG A 15 -7.69 -5.44 3.59
N CYS A 16 -6.47 -5.72 3.21
CA CYS A 16 -6.03 -7.10 3.12
C CYS A 16 -5.85 -7.73 4.49
N GLN A 17 -5.54 -6.93 5.46
CA GLN A 17 -5.33 -7.40 6.82
C GLN A 17 -6.63 -7.95 7.38
N VAL A 18 -7.73 -7.28 7.10
CA VAL A 18 -9.02 -7.72 7.59
C VAL A 18 -9.77 -8.65 6.60
N ALA A 19 -9.79 -8.30 5.31
CA ALA A 19 -10.55 -9.05 4.32
C ALA A 19 -9.82 -10.29 3.81
N GLU A 20 -8.54 -10.17 3.53
CA GLU A 20 -7.77 -11.31 3.04
C GLU A 20 -7.45 -12.23 4.20
N HIS A 21 -6.78 -11.67 5.22
CA HIS A 21 -6.38 -12.38 6.46
C HIS A 21 -5.25 -13.41 6.24
N GLY A 22 -5.35 -14.18 5.17
CA GLY A 22 -4.34 -15.17 4.83
C GLY A 22 -2.97 -14.57 4.65
N VAL A 23 -1.96 -15.28 5.11
CA VAL A 23 -0.59 -14.80 5.12
C VAL A 23 -0.02 -14.70 3.69
N GLU A 24 -0.44 -15.58 2.81
CA GLU A 24 0.00 -15.51 1.41
C GLU A 24 -0.67 -14.34 0.73
N ARG A 25 -1.94 -14.18 1.02
CA ARG A 25 -2.75 -13.11 0.45
C ARG A 25 -2.19 -11.76 0.90
N GLN A 26 -1.89 -11.65 2.18
CA GLN A 26 -1.31 -10.42 2.74
C GLN A 26 0.09 -10.18 2.19
N ARG A 27 0.83 -11.25 1.89
CA ARG A 27 2.16 -11.13 1.34
C ARG A 27 2.08 -10.48 -0.05
N ARG A 28 1.03 -10.83 -0.79
CA ARG A 28 0.77 -10.23 -2.09
C ARG A 28 0.42 -8.78 -1.90
N CYS A 29 -0.49 -8.52 -0.98
CA CYS A 29 -0.93 -7.17 -0.68
C CYS A 29 0.20 -6.28 -0.23
N GLN A 30 1.06 -6.77 0.67
CA GLN A 30 2.22 -6.01 1.13
C GLN A 30 3.05 -5.55 -0.06
N GLN A 31 3.29 -6.49 -0.96
CA GLN A 31 4.06 -6.26 -2.17
C GLN A 31 3.37 -5.22 -3.06
N VAL A 32 2.10 -5.46 -3.37
CA VAL A 32 1.33 -4.63 -4.27
C VAL A 32 1.05 -3.24 -3.68
N CYS A 33 0.68 -3.17 -2.43
CA CYS A 33 0.38 -1.89 -1.80
C CYS A 33 1.66 -1.07 -1.64
N GLU A 34 2.81 -1.74 -1.44
CA GLU A 34 4.10 -1.08 -1.34
C GLU A 34 4.45 -0.51 -2.71
N LYS A 35 4.17 -1.30 -3.75
CA LYS A 35 4.36 -0.90 -5.13
C LYS A 35 3.51 0.32 -5.43
N ARG A 36 2.25 0.25 -5.02
CA ARG A 36 1.31 1.34 -5.19
C ARG A 36 1.83 2.59 -4.54
N LEU A 37 2.35 2.44 -3.32
CA LEU A 37 2.91 3.54 -2.58
C LEU A 37 4.12 4.10 -3.30
N ARG A 38 5.03 3.25 -3.71
CA ARG A 38 6.24 3.68 -4.36
C ARG A 38 5.99 4.32 -5.72
N GLU A 39 4.97 3.89 -6.40
CA GLU A 39 4.60 4.54 -7.63
C GLU A 39 3.77 5.79 -7.36
N ARG A 40 3.04 5.80 -6.28
CA ARG A 40 2.29 6.97 -5.87
C ARG A 40 3.28 8.08 -5.52
N GLU A 41 4.32 7.71 -4.80
CA GLU A 41 5.36 8.63 -4.44
C GLU A 41 6.27 8.92 -5.62
N GLY A 42 6.89 7.87 -6.15
CA GLY A 42 7.96 8.04 -7.11
C GLY A 42 7.55 8.28 -8.54
N ARG A 43 6.37 7.90 -8.90
CA ARG A 43 5.95 8.12 -10.28
C ARG A 43 5.31 9.49 -10.39
N ARG A 44 4.80 9.99 -9.27
CA ARG A 44 4.17 11.28 -9.28
C ARG A 44 5.19 12.37 -8.86
N GLU A 45 5.98 12.12 -7.80
CA GLU A 45 7.13 13.00 -7.46
C GLU A 45 8.37 12.18 -7.07
N VAL A 46 9.16 11.87 -8.08
CA VAL A 46 10.36 11.06 -7.91
C VAL A 46 11.47 11.82 -7.18
N ASP A 47 12.15 11.13 -6.30
CA ASP A 47 13.30 11.67 -5.61
C ASP A 47 14.47 11.54 -6.51
N PRO A 1 -7.39 11.57 9.00
CA PRO A 1 -7.13 11.74 7.59
C PRO A 1 -5.86 12.53 7.40
N ARG A 2 -4.88 11.93 6.77
CA ARG A 2 -3.62 12.58 6.56
C ARG A 2 -3.46 13.04 5.14
N GLY A 3 -2.82 14.16 4.98
CA GLY A 3 -2.44 14.61 3.68
C GLY A 3 -1.10 14.00 3.34
N SER A 4 -1.07 12.71 3.32
CA SER A 4 0.10 11.93 3.07
C SER A 4 -0.32 10.64 2.39
N PRO A 5 0.44 10.15 1.41
CA PRO A 5 0.10 8.89 0.71
C PRO A 5 0.30 7.64 1.59
N ARG A 6 0.94 7.83 2.75
CA ARG A 6 1.19 6.75 3.71
C ARG A 6 -0.08 6.03 4.11
N THR A 7 -1.14 6.78 4.32
CA THR A 7 -2.40 6.24 4.78
C THR A 7 -3.05 5.36 3.72
N GLU A 8 -2.82 5.68 2.47
CA GLU A 8 -3.34 4.90 1.35
C GLU A 8 -2.66 3.54 1.35
N TYR A 9 -1.36 3.56 1.53
CA TYR A 9 -0.54 2.37 1.57
C TYR A 9 -0.86 1.54 2.82
N GLU A 10 -1.00 2.23 3.93
CA GLU A 10 -1.29 1.63 5.21
C GLU A 10 -2.67 0.96 5.20
N ALA A 11 -3.69 1.69 4.74
CA ALA A 11 -5.05 1.17 4.69
C ALA A 11 -5.15 0.02 3.71
N CYS A 12 -4.35 0.09 2.66
CA CYS A 12 -4.26 -0.98 1.66
C CYS A 12 -3.88 -2.30 2.34
N ARG A 13 -2.92 -2.21 3.25
CA ARG A 13 -2.44 -3.35 3.99
C ARG A 13 -3.47 -3.83 5.00
N VAL A 14 -4.05 -2.90 5.73
CA VAL A 14 -5.09 -3.21 6.72
C VAL A 14 -6.28 -3.88 6.04
N ARG A 15 -6.68 -3.35 4.88
CA ARG A 15 -7.77 -3.89 4.09
C ARG A 15 -7.54 -5.37 3.77
N CYS A 16 -6.33 -5.71 3.40
CA CYS A 16 -6.02 -7.10 3.12
C CYS A 16 -6.01 -7.99 4.37
N GLN A 17 -5.63 -7.43 5.50
CA GLN A 17 -5.64 -8.19 6.74
C GLN A 17 -7.08 -8.47 7.15
N VAL A 18 -7.92 -7.46 7.01
CA VAL A 18 -9.32 -7.57 7.37
C VAL A 18 -10.11 -8.42 6.36
N ALA A 19 -10.04 -8.05 5.10
CA ALA A 19 -10.88 -8.66 4.07
C ALA A 19 -10.29 -9.96 3.50
N GLU A 20 -9.02 -9.93 3.11
CA GLU A 20 -8.43 -11.09 2.45
C GLU A 20 -8.14 -12.18 3.46
N HIS A 21 -7.43 -11.79 4.53
CA HIS A 21 -7.05 -12.65 5.66
C HIS A 21 -6.20 -13.85 5.21
N GLY A 22 -4.92 -13.75 5.45
CA GLY A 22 -4.03 -14.81 5.11
C GLY A 22 -2.64 -14.31 5.01
N VAL A 23 -1.68 -15.12 5.42
CA VAL A 23 -0.27 -14.76 5.38
C VAL A 23 0.16 -14.57 3.94
N GLU A 24 -0.11 -15.56 3.11
CA GLU A 24 0.23 -15.52 1.69
C GLU A 24 -0.47 -14.34 1.02
N ARG A 25 -1.73 -14.15 1.36
CA ARG A 25 -2.55 -13.08 0.81
C ARG A 25 -2.03 -11.71 1.22
N GLN A 26 -1.65 -11.58 2.48
CA GLN A 26 -1.15 -10.34 3.03
C GLN A 26 0.22 -10.02 2.46
N ARG A 27 1.04 -11.04 2.31
CA ARG A 27 2.37 -10.92 1.73
C ARG A 27 2.27 -10.44 0.28
N ARG A 28 1.27 -10.95 -0.41
CA ARG A 28 0.97 -10.54 -1.77
C ARG A 28 0.52 -9.07 -1.77
N CYS A 29 -0.45 -8.76 -0.95
CA CYS A 29 -0.98 -7.41 -0.84
C CYS A 29 0.07 -6.38 -0.49
N GLN A 30 0.93 -6.67 0.48
CA GLN A 30 1.93 -5.69 0.92
C GLN A 30 2.87 -5.32 -0.24
N GLN A 31 3.11 -6.28 -1.13
CA GLN A 31 3.95 -6.06 -2.30
C GLN A 31 3.21 -5.15 -3.29
N VAL A 32 1.93 -5.38 -3.42
CA VAL A 32 1.06 -4.60 -4.30
C VAL A 32 0.94 -3.17 -3.77
N CYS A 33 0.66 -3.05 -2.47
CA CYS A 33 0.49 -1.76 -1.83
C CYS A 33 1.77 -0.92 -1.93
N GLU A 34 2.92 -1.56 -1.80
CA GLU A 34 4.20 -0.89 -1.89
C GLU A 34 4.42 -0.39 -3.33
N LYS A 35 4.03 -1.23 -4.29
CA LYS A 35 4.20 -0.93 -5.71
C LYS A 35 3.33 0.25 -6.11
N ARG A 36 2.06 0.20 -5.73
CA ARG A 36 1.11 1.26 -6.11
C ARG A 36 1.47 2.57 -5.44
N LEU A 37 2.01 2.48 -4.24
CA LEU A 37 2.47 3.62 -3.50
C LEU A 37 3.64 4.27 -4.25
N ARG A 38 4.55 3.44 -4.75
CA ARG A 38 5.74 3.90 -5.49
C ARG A 38 5.33 4.50 -6.82
N GLU A 39 4.37 3.88 -7.49
CA GLU A 39 3.85 4.36 -8.76
C GLU A 39 3.28 5.75 -8.60
N ARG A 40 2.61 5.96 -7.49
CA ARG A 40 2.02 7.24 -7.14
C ARG A 40 3.13 8.30 -6.93
N GLU A 41 4.27 7.86 -6.42
CA GLU A 41 5.44 8.75 -6.22
C GLU A 41 6.03 9.15 -7.55
N GLY A 42 5.81 8.33 -8.56
CA GLY A 42 6.26 8.64 -9.90
C GLY A 42 5.27 9.55 -10.60
N ARG A 43 4.05 9.50 -10.14
CA ARG A 43 2.98 10.31 -10.68
C ARG A 43 3.07 11.73 -10.15
N ARG A 44 3.26 11.87 -8.86
CA ARG A 44 3.33 13.17 -8.26
C ARG A 44 4.77 13.64 -8.24
N GLU A 45 4.97 14.88 -8.59
CA GLU A 45 6.28 15.48 -8.60
C GLU A 45 6.63 16.00 -7.19
N VAL A 46 7.86 16.40 -7.00
CA VAL A 46 8.28 16.93 -5.71
C VAL A 46 8.35 18.46 -5.76
N ASP A 47 8.10 19.07 -4.62
CA ASP A 47 8.07 20.51 -4.51
C ASP A 47 9.06 20.93 -3.46
N PRO A 1 -6.45 15.78 5.43
CA PRO A 1 -5.56 16.81 4.93
C PRO A 1 -4.29 16.13 4.49
N ARG A 2 -3.33 16.92 3.99
CA ARG A 2 -2.02 16.47 3.49
C ARG A 2 -2.18 15.66 2.21
N GLY A 3 -1.07 15.21 1.69
CA GLY A 3 -1.07 14.31 0.59
C GLY A 3 -0.43 13.05 1.04
N SER A 4 -1.17 12.26 1.76
CA SER A 4 -0.67 11.09 2.44
C SER A 4 -0.85 9.81 1.61
N PRO A 5 0.23 9.28 1.01
CA PRO A 5 0.19 8.02 0.30
C PRO A 5 0.64 6.83 1.18
N ARG A 6 1.34 7.11 2.28
CA ARG A 6 1.88 6.06 3.16
C ARG A 6 0.76 5.40 3.91
N THR A 7 -0.27 6.15 4.15
CA THR A 7 -1.44 5.70 4.81
C THR A 7 -2.26 4.80 3.89
N GLU A 8 -2.25 5.12 2.59
CA GLU A 8 -2.92 4.32 1.57
C GLU A 8 -2.27 2.95 1.50
N TYR A 9 -0.95 2.96 1.45
CA TYR A 9 -0.17 1.77 1.41
C TYR A 9 -0.37 0.94 2.69
N GLU A 10 -0.41 1.62 3.83
CA GLU A 10 -0.66 0.96 5.10
C GLU A 10 -2.10 0.39 5.12
N ALA A 11 -3.05 1.18 4.63
CA ALA A 11 -4.45 0.77 4.57
C ALA A 11 -4.62 -0.47 3.72
N CYS A 12 -3.86 -0.56 2.66
CA CYS A 12 -3.84 -1.72 1.79
C CYS A 12 -3.51 -3.00 2.57
N ARG A 13 -2.54 -2.87 3.48
CA ARG A 13 -2.09 -3.98 4.29
C ARG A 13 -3.21 -4.39 5.24
N VAL A 14 -3.77 -3.40 5.91
CA VAL A 14 -4.83 -3.60 6.90
C VAL A 14 -6.12 -4.13 6.23
N ARG A 15 -6.43 -3.60 5.06
CA ARG A 15 -7.59 -4.01 4.30
C ARG A 15 -7.51 -5.49 3.98
N CYS A 16 -6.38 -5.92 3.45
CA CYS A 16 -6.21 -7.31 3.12
C CYS A 16 -6.00 -8.19 4.35
N GLN A 17 -5.58 -7.58 5.44
CA GLN A 17 -5.40 -8.27 6.71
C GLN A 17 -6.75 -8.83 7.16
N VAL A 18 -7.78 -8.02 7.02
CA VAL A 18 -9.11 -8.40 7.42
C VAL A 18 -9.92 -9.04 6.26
N ALA A 19 -9.82 -8.47 5.06
CA ALA A 19 -10.61 -8.93 3.92
C ALA A 19 -10.09 -10.23 3.31
N GLU A 20 -8.79 -10.34 3.15
CA GLU A 20 -8.21 -11.54 2.57
C GLU A 20 -8.09 -12.61 3.62
N HIS A 21 -7.57 -12.23 4.78
CA HIS A 21 -7.37 -13.12 5.93
C HIS A 21 -6.42 -14.28 5.55
N GLY A 22 -5.16 -13.98 5.58
CA GLY A 22 -4.13 -14.92 5.23
C GLY A 22 -2.83 -14.20 5.09
N VAL A 23 -1.75 -14.85 5.49
CA VAL A 23 -0.43 -14.20 5.51
C VAL A 23 0.04 -13.83 4.11
N GLU A 24 -0.03 -14.77 3.19
CA GLU A 24 0.44 -14.53 1.84
C GLU A 24 -0.46 -13.55 1.13
N ARG A 25 -1.76 -13.69 1.31
CA ARG A 25 -2.73 -12.81 0.65
C ARG A 25 -2.59 -11.37 1.13
N GLN A 26 -2.30 -11.22 2.41
CA GLN A 26 -2.10 -9.92 3.02
C GLN A 26 -0.80 -9.31 2.52
N ARG A 27 0.24 -10.13 2.49
CA ARG A 27 1.55 -9.68 2.05
C ARG A 27 1.55 -9.43 0.55
N ARG A 28 0.69 -10.13 -0.17
CA ARG A 28 0.51 -9.92 -1.58
C ARG A 28 0.08 -8.48 -1.80
N CYS A 29 -0.96 -8.07 -1.08
CA CYS A 29 -1.43 -6.70 -1.15
C CYS A 29 -0.32 -5.74 -0.72
N GLN A 30 0.33 -6.08 0.40
CA GLN A 30 1.45 -5.29 0.93
C GLN A 30 2.49 -5.02 -0.16
N GLN A 31 2.89 -6.06 -0.86
CA GLN A 31 3.91 -5.98 -1.89
C GLN A 31 3.41 -5.24 -3.14
N VAL A 32 2.19 -5.55 -3.58
CA VAL A 32 1.60 -4.90 -4.76
C VAL A 32 1.44 -3.40 -4.52
N CYS A 33 0.89 -3.08 -3.37
CA CYS A 33 0.69 -1.71 -2.99
C CYS A 33 2.01 -1.00 -2.72
N GLU A 34 3.02 -1.76 -2.28
CA GLU A 34 4.34 -1.21 -2.03
C GLU A 34 4.96 -0.80 -3.35
N LYS A 35 4.79 -1.64 -4.37
CA LYS A 35 5.26 -1.32 -5.70
C LYS A 35 4.59 -0.05 -6.19
N ARG A 36 3.26 -0.03 -6.15
CA ARG A 36 2.46 1.11 -6.62
C ARG A 36 2.81 2.40 -5.87
N LEU A 37 3.10 2.26 -4.60
CA LEU A 37 3.48 3.37 -3.75
C LEU A 37 4.81 3.97 -4.26
N ARG A 38 5.76 3.11 -4.58
CA ARG A 38 7.04 3.54 -5.08
C ARG A 38 6.92 4.07 -6.50
N GLU A 39 6.04 3.45 -7.28
CA GLU A 39 5.79 3.90 -8.65
C GLU A 39 5.22 5.31 -8.63
N ARG A 40 4.38 5.58 -7.66
CA ARG A 40 3.79 6.90 -7.49
C ARG A 40 4.87 7.93 -7.16
N GLU A 41 5.84 7.55 -6.37
CA GLU A 41 6.89 8.48 -6.00
C GLU A 41 7.94 8.59 -7.09
N GLY A 42 8.24 7.50 -7.74
CA GLY A 42 9.26 7.48 -8.76
C GLY A 42 8.82 8.06 -10.09
N ARG A 43 7.63 7.72 -10.53
CA ARG A 43 7.17 8.16 -11.86
C ARG A 43 6.45 9.51 -11.82
N ARG A 44 6.28 10.06 -10.64
CA ARG A 44 5.62 11.35 -10.49
C ARG A 44 6.57 12.31 -9.78
N GLU A 45 6.15 13.54 -9.59
CA GLU A 45 6.97 14.49 -8.87
C GLU A 45 6.92 14.21 -7.38
N VAL A 46 7.90 14.69 -6.67
CA VAL A 46 7.96 14.52 -5.25
C VAL A 46 6.93 15.42 -4.58
N ASP A 47 5.90 14.81 -4.05
CA ASP A 47 4.79 15.49 -3.40
C ASP A 47 4.01 14.49 -2.57
N PRO A 1 0.48 18.01 -4.70
CA PRO A 1 -0.76 17.96 -3.96
C PRO A 1 -0.55 17.19 -2.67
N ARG A 2 -1.63 16.94 -1.94
CA ARG A 2 -1.55 16.20 -0.69
C ARG A 2 -1.87 14.74 -0.94
N GLY A 3 -1.88 13.97 0.10
CA GLY A 3 -2.13 12.56 0.00
C GLY A 3 -0.96 11.81 0.54
N SER A 4 -1.14 11.17 1.67
CA SER A 4 -0.06 10.47 2.29
C SER A 4 0.15 9.10 1.67
N PRO A 5 1.39 8.82 1.25
CA PRO A 5 1.73 7.52 0.70
C PRO A 5 1.80 6.45 1.79
N ARG A 6 1.91 6.91 3.03
CA ARG A 6 2.03 6.01 4.13
C ARG A 6 0.66 5.50 4.52
N THR A 7 -0.31 6.40 4.60
CA THR A 7 -1.66 6.00 4.91
C THR A 7 -2.26 5.21 3.75
N GLU A 8 -1.85 5.57 2.53
CA GLU A 8 -2.26 4.87 1.31
C GLU A 8 -1.89 3.40 1.42
N TYR A 9 -0.65 3.16 1.81
CA TYR A 9 -0.13 1.85 1.96
C TYR A 9 -0.80 1.13 3.12
N GLU A 10 -0.86 1.80 4.26
CA GLU A 10 -1.43 1.25 5.48
C GLU A 10 -2.87 0.80 5.24
N ALA A 11 -3.70 1.67 4.66
CA ALA A 11 -5.09 1.34 4.37
C ALA A 11 -5.17 0.13 3.45
N CYS A 12 -4.33 0.12 2.44
CA CYS A 12 -4.26 -0.95 1.47
C CYS A 12 -3.93 -2.29 2.16
N ARG A 13 -2.96 -2.26 3.04
CA ARG A 13 -2.49 -3.42 3.75
C ARG A 13 -3.49 -3.88 4.82
N VAL A 14 -3.97 -2.95 5.64
CA VAL A 14 -4.92 -3.26 6.71
C VAL A 14 -6.21 -3.84 6.16
N ARG A 15 -6.74 -3.23 5.10
CA ARG A 15 -7.97 -3.71 4.50
C ARG A 15 -7.80 -5.12 3.93
N CYS A 16 -6.63 -5.41 3.38
CA CYS A 16 -6.34 -6.78 2.93
C CYS A 16 -6.26 -7.73 4.11
N GLN A 17 -5.74 -7.29 5.22
CA GLN A 17 -5.63 -8.15 6.39
C GLN A 17 -7.04 -8.44 6.95
N VAL A 18 -7.96 -7.51 6.72
CA VAL A 18 -9.34 -7.68 7.14
C VAL A 18 -10.11 -8.56 6.14
N ALA A 19 -9.98 -8.27 4.86
CA ALA A 19 -10.74 -8.95 3.83
C ALA A 19 -10.13 -10.27 3.37
N GLU A 20 -8.83 -10.28 3.16
CA GLU A 20 -8.15 -11.48 2.67
C GLU A 20 -7.90 -12.41 3.83
N HIS A 21 -7.21 -11.87 4.83
CA HIS A 21 -6.91 -12.56 6.09
C HIS A 21 -6.02 -13.78 5.85
N GLY A 22 -4.74 -13.59 5.97
CA GLY A 22 -3.79 -14.65 5.78
C GLY A 22 -2.46 -14.08 5.43
N VAL A 23 -1.39 -14.77 5.77
CA VAL A 23 -0.03 -14.29 5.54
C VAL A 23 0.30 -14.34 4.06
N GLU A 24 -0.10 -15.41 3.39
CA GLU A 24 0.21 -15.60 2.00
C GLU A 24 -0.54 -14.56 1.18
N ARG A 25 -1.76 -14.29 1.60
CA ARG A 25 -2.59 -13.27 0.95
C ARG A 25 -2.09 -11.88 1.28
N GLN A 26 -1.53 -11.73 2.49
CA GLN A 26 -0.94 -10.47 2.91
C GLN A 26 0.23 -10.14 2.01
N ARG A 27 1.08 -11.14 1.77
CA ARG A 27 2.27 -11.02 0.89
C ARG A 27 1.89 -10.47 -0.49
N ARG A 28 0.73 -10.88 -0.97
CA ARG A 28 0.24 -10.41 -2.27
C ARG A 28 -0.05 -8.93 -2.21
N CYS A 29 -0.94 -8.55 -1.31
CA CYS A 29 -1.32 -7.17 -1.13
C CYS A 29 -0.14 -6.31 -0.72
N GLN A 30 0.68 -6.81 0.19
CA GLN A 30 1.80 -6.05 0.75
C GLN A 30 2.74 -5.57 -0.35
N GLN A 31 2.98 -6.40 -1.35
CA GLN A 31 3.85 -6.03 -2.46
C GLN A 31 3.16 -5.04 -3.39
N VAL A 32 1.87 -5.22 -3.58
CA VAL A 32 1.08 -4.30 -4.40
C VAL A 32 1.00 -2.92 -3.71
N CYS A 33 0.71 -2.95 -2.42
CA CYS A 33 0.62 -1.76 -1.61
C CYS A 33 1.98 -1.04 -1.56
N GLU A 34 3.07 -1.82 -1.41
CA GLU A 34 4.43 -1.29 -1.38
C GLU A 34 4.78 -0.65 -2.73
N LYS A 35 4.36 -1.29 -3.80
CA LYS A 35 4.60 -0.78 -5.14
C LYS A 35 3.87 0.54 -5.33
N ARG A 36 2.62 0.59 -4.89
CA ARG A 36 1.82 1.80 -5.02
C ARG A 36 2.25 2.86 -4.05
N LEU A 37 2.80 2.43 -2.92
CA LEU A 37 3.37 3.32 -1.91
C LEU A 37 4.46 4.12 -2.60
N ARG A 38 5.32 3.37 -3.27
CA ARG A 38 6.47 3.88 -3.96
C ARG A 38 6.02 4.83 -5.10
N GLU A 39 4.90 4.49 -5.74
CA GLU A 39 4.32 5.33 -6.78
C GLU A 39 3.77 6.62 -6.17
N ARG A 40 3.03 6.47 -5.09
CA ARG A 40 2.36 7.58 -4.43
C ARG A 40 3.37 8.56 -3.83
N GLU A 41 4.48 8.05 -3.29
CA GLU A 41 5.50 8.93 -2.78
C GLU A 41 6.40 9.43 -3.91
N GLY A 42 6.36 8.75 -5.02
CA GLY A 42 7.10 9.17 -6.18
C GLY A 42 6.43 10.37 -6.81
N ARG A 43 5.12 10.38 -6.74
CA ARG A 43 4.29 11.46 -7.28
C ARG A 43 4.10 12.62 -6.30
N ARG A 44 4.64 12.49 -5.12
CA ARG A 44 4.56 13.53 -4.12
C ARG A 44 5.96 13.98 -3.75
N GLU A 45 6.11 15.23 -3.35
CA GLU A 45 7.40 15.73 -2.97
C GLU A 45 7.72 15.37 -1.53
N VAL A 46 8.55 14.36 -1.36
CA VAL A 46 9.03 13.99 -0.04
C VAL A 46 10.28 14.80 0.22
N ASP A 47 11.07 14.94 -0.81
CA ASP A 47 12.28 15.71 -0.80
C ASP A 47 12.54 16.19 -2.19
N PRO A 1 -6.95 18.20 -2.81
CA PRO A 1 -7.08 17.09 -1.89
C PRO A 1 -5.70 16.58 -1.60
N ARG A 2 -5.57 15.60 -0.74
CA ARG A 2 -4.26 15.11 -0.38
C ARG A 2 -3.93 13.86 -1.16
N GLY A 3 -2.89 13.94 -1.94
CA GLY A 3 -2.43 12.81 -2.71
C GLY A 3 -1.35 12.07 -1.95
N SER A 4 -1.71 11.50 -0.84
CA SER A 4 -0.82 10.77 -0.02
C SER A 4 -0.79 9.28 -0.42
N PRO A 5 0.33 8.78 -0.95
CA PRO A 5 0.41 7.38 -1.38
C PRO A 5 0.46 6.42 -0.18
N ARG A 6 0.91 6.94 0.96
CA ARG A 6 1.06 6.11 2.15
C ARG A 6 -0.27 5.63 2.66
N THR A 7 -1.25 6.51 2.68
CA THR A 7 -2.55 6.20 3.22
C THR A 7 -3.28 5.14 2.38
N GLU A 8 -3.07 5.18 1.07
CA GLU A 8 -3.66 4.21 0.14
C GLU A 8 -3.04 2.85 0.38
N TYR A 9 -1.74 2.85 0.48
CA TYR A 9 -0.97 1.65 0.70
C TYR A 9 -1.24 1.08 2.10
N GLU A 10 -1.37 1.97 3.06
CA GLU A 10 -1.69 1.61 4.43
C GLU A 10 -3.05 0.93 4.46
N ALA A 11 -3.99 1.53 3.74
CA ALA A 11 -5.35 1.01 3.62
C ALA A 11 -5.31 -0.38 3.04
N CYS A 12 -4.50 -0.55 2.03
CA CYS A 12 -4.31 -1.83 1.36
C CYS A 12 -3.85 -2.91 2.37
N ARG A 13 -2.97 -2.53 3.29
CA ARG A 13 -2.46 -3.47 4.28
C ARG A 13 -3.56 -3.89 5.25
N VAL A 14 -4.20 -2.89 5.88
CA VAL A 14 -5.24 -3.15 6.88
C VAL A 14 -6.45 -3.85 6.25
N ARG A 15 -6.79 -3.44 5.06
CA ARG A 15 -7.88 -4.04 4.32
C ARG A 15 -7.62 -5.50 4.05
N CYS A 16 -6.42 -5.83 3.66
CA CYS A 16 -6.08 -7.22 3.40
C CYS A 16 -5.89 -8.03 4.68
N GLN A 17 -5.70 -7.35 5.80
CA GLN A 17 -5.67 -8.05 7.09
C GLN A 17 -7.07 -8.55 7.43
N VAL A 18 -8.06 -7.77 7.06
CA VAL A 18 -9.44 -8.12 7.32
C VAL A 18 -10.02 -9.00 6.21
N ALA A 19 -9.96 -8.52 4.98
CA ALA A 19 -10.57 -9.20 3.84
C ALA A 19 -9.83 -10.46 3.44
N GLU A 20 -8.52 -10.42 3.43
CA GLU A 20 -7.74 -11.56 3.02
C GLU A 20 -7.42 -12.43 4.22
N HIS A 21 -6.83 -11.79 5.24
CA HIS A 21 -6.42 -12.41 6.52
C HIS A 21 -5.19 -13.33 6.36
N GLY A 22 -5.24 -14.17 5.35
CA GLY A 22 -4.15 -15.08 5.04
C GLY A 22 -2.86 -14.34 4.79
N VAL A 23 -1.79 -14.86 5.37
CA VAL A 23 -0.48 -14.24 5.31
C VAL A 23 -0.01 -14.00 3.88
N GLU A 24 -0.17 -15.00 3.03
CA GLU A 24 0.25 -14.93 1.65
C GLU A 24 -0.59 -13.90 0.88
N ARG A 25 -1.89 -13.89 1.12
CA ARG A 25 -2.79 -12.98 0.44
C ARG A 25 -2.56 -11.54 0.89
N GLN A 26 -2.28 -11.38 2.18
CA GLN A 26 -1.97 -10.07 2.71
C GLN A 26 -0.63 -9.62 2.14
N ARG A 27 0.32 -10.56 2.06
CA ARG A 27 1.66 -10.32 1.50
C ARG A 27 1.54 -9.85 0.06
N ARG A 28 0.59 -10.40 -0.66
CA ARG A 28 0.30 -10.01 -2.03
C ARG A 28 -0.06 -8.51 -2.08
N CYS A 29 -0.94 -8.11 -1.20
CA CYS A 29 -1.34 -6.73 -1.08
C CYS A 29 -0.15 -5.86 -0.66
N GLN A 30 0.55 -6.33 0.36
CA GLN A 30 1.71 -5.64 0.92
C GLN A 30 2.84 -5.48 -0.09
N GLN A 31 2.90 -6.36 -1.06
CA GLN A 31 3.91 -6.30 -2.08
C GLN A 31 3.51 -5.33 -3.19
N VAL A 32 2.35 -5.54 -3.78
CA VAL A 32 1.90 -4.73 -4.92
C VAL A 32 1.59 -3.28 -4.52
N CYS A 33 0.95 -3.10 -3.39
CA CYS A 33 0.60 -1.76 -2.94
C CYS A 33 1.84 -0.99 -2.50
N GLU A 34 2.85 -1.70 -2.01
CA GLU A 34 4.07 -1.06 -1.56
C GLU A 34 4.97 -0.75 -2.76
N LYS A 35 4.83 -1.53 -3.81
CA LYS A 35 5.56 -1.27 -5.04
C LYS A 35 5.12 0.07 -5.61
N ARG A 36 3.82 0.31 -5.59
CA ARG A 36 3.24 1.55 -6.05
C ARG A 36 3.57 2.71 -5.11
N LEU A 37 3.66 2.39 -3.82
CA LEU A 37 4.11 3.35 -2.81
C LEU A 37 5.52 3.81 -3.17
N ARG A 38 6.38 2.81 -3.33
CA ARG A 38 7.80 2.97 -3.60
C ARG A 38 8.04 3.83 -4.85
N GLU A 39 7.29 3.59 -5.91
CA GLU A 39 7.50 4.35 -7.13
C GLU A 39 6.93 5.77 -7.06
N ARG A 40 5.91 5.97 -6.24
CA ARG A 40 5.36 7.31 -6.07
C ARG A 40 6.25 8.17 -5.20
N GLU A 41 6.78 7.59 -4.13
CA GLU A 41 7.68 8.31 -3.22
C GLU A 41 9.03 8.55 -3.89
N GLY A 42 9.35 7.70 -4.86
CA GLY A 42 10.58 7.83 -5.59
C GLY A 42 10.49 8.92 -6.62
N ARG A 43 9.33 9.05 -7.22
CA ARG A 43 9.11 10.04 -8.25
C ARG A 43 8.89 11.40 -7.62
N ARG A 44 8.03 11.43 -6.61
CA ARG A 44 7.71 12.65 -5.92
C ARG A 44 8.16 12.55 -4.49
N GLU A 45 9.12 13.35 -4.12
CA GLU A 45 9.55 13.39 -2.75
C GLU A 45 8.59 14.29 -1.97
N VAL A 46 7.45 13.70 -1.65
CA VAL A 46 6.34 14.35 -0.95
C VAL A 46 5.79 15.51 -1.79
N ASP A 47 4.90 15.20 -2.70
CA ASP A 47 4.25 16.19 -3.56
C ASP A 47 2.81 15.79 -3.78
N PRO A 1 -9.61 15.22 3.04
CA PRO A 1 -8.63 15.39 2.01
C PRO A 1 -7.63 14.26 2.09
N ARG A 2 -6.62 14.28 1.26
CA ARG A 2 -5.61 13.26 1.28
C ARG A 2 -4.29 13.89 1.72
N GLY A 3 -3.42 13.11 2.28
CA GLY A 3 -2.16 13.63 2.73
C GLY A 3 -1.36 12.55 3.41
N SER A 4 -0.04 12.61 3.23
CA SER A 4 0.92 11.64 3.77
C SER A 4 0.71 10.25 3.12
N PRO A 5 1.58 9.88 2.13
CA PRO A 5 1.43 8.63 1.34
C PRO A 5 1.22 7.38 2.18
N ARG A 6 1.84 7.35 3.34
CA ARG A 6 1.76 6.22 4.28
C ARG A 6 0.32 5.86 4.65
N THR A 7 -0.57 6.83 4.62
CA THR A 7 -1.96 6.62 4.97
C THR A 7 -2.65 5.69 3.97
N GLU A 8 -2.43 5.94 2.69
CA GLU A 8 -3.02 5.16 1.60
C GLU A 8 -2.45 3.76 1.61
N TYR A 9 -1.17 3.68 1.86
CA TYR A 9 -0.47 2.46 1.94
C TYR A 9 -1.02 1.62 3.10
N GLU A 10 -1.21 2.29 4.23
CA GLU A 10 -1.71 1.68 5.43
C GLU A 10 -3.14 1.19 5.22
N ALA A 11 -3.96 2.02 4.58
CA ALA A 11 -5.35 1.69 4.27
C ALA A 11 -5.43 0.43 3.41
N CYS A 12 -4.54 0.36 2.42
CA CYS A 12 -4.42 -0.79 1.54
C CYS A 12 -4.12 -2.06 2.35
N ARG A 13 -3.23 -1.91 3.33
CA ARG A 13 -2.85 -3.01 4.20
C ARG A 13 -4.02 -3.39 5.11
N VAL A 14 -4.72 -2.38 5.64
CA VAL A 14 -5.89 -2.57 6.50
C VAL A 14 -6.98 -3.37 5.76
N ARG A 15 -7.20 -3.04 4.50
CA ARG A 15 -8.19 -3.76 3.69
C ARG A 15 -7.81 -5.24 3.57
N CYS A 16 -6.54 -5.50 3.40
CA CYS A 16 -6.07 -6.86 3.34
C CYS A 16 -6.11 -7.56 4.70
N GLN A 17 -5.97 -6.80 5.76
CA GLN A 17 -6.05 -7.36 7.11
C GLN A 17 -7.47 -7.86 7.41
N VAL A 18 -8.46 -7.11 6.95
CA VAL A 18 -9.84 -7.48 7.17
C VAL A 18 -10.35 -8.51 6.14
N ALA A 19 -10.05 -8.31 4.88
CA ALA A 19 -10.55 -9.19 3.84
C ALA A 19 -9.69 -10.44 3.66
N GLU A 20 -8.43 -10.23 3.42
CA GLU A 20 -7.53 -11.31 3.06
C GLU A 20 -7.10 -12.16 4.26
N HIS A 21 -6.46 -11.52 5.25
CA HIS A 21 -6.01 -12.16 6.51
C HIS A 21 -4.83 -13.14 6.31
N GLY A 22 -5.02 -14.12 5.42
CA GLY A 22 -4.05 -15.18 5.20
C GLY A 22 -2.68 -14.70 4.74
N VAL A 23 -1.65 -15.46 5.14
CA VAL A 23 -0.22 -15.14 4.89
C VAL A 23 0.08 -14.93 3.41
N GLU A 24 -0.40 -15.84 2.59
CA GLU A 24 -0.16 -15.80 1.15
C GLU A 24 -0.73 -14.52 0.55
N ARG A 25 -1.94 -14.20 0.94
CA ARG A 25 -2.62 -13.01 0.46
C ARG A 25 -1.94 -11.75 1.02
N GLN A 26 -1.55 -11.83 2.28
CA GLN A 26 -0.84 -10.76 3.00
C GLN A 26 0.41 -10.40 2.21
N ARG A 27 1.18 -11.41 1.84
CA ARG A 27 2.41 -11.25 1.06
C ARG A 27 2.14 -10.55 -0.28
N ARG A 28 0.99 -10.84 -0.89
CA ARG A 28 0.61 -10.20 -2.14
C ARG A 28 0.37 -8.72 -1.89
N CYS A 29 -0.45 -8.44 -0.88
CA CYS A 29 -0.77 -7.08 -0.50
C CYS A 29 0.48 -6.32 -0.07
N GLN A 30 1.39 -7.03 0.55
CA GLN A 30 2.65 -6.49 1.01
C GLN A 30 3.43 -5.93 -0.19
N GLN A 31 3.36 -6.62 -1.29
CA GLN A 31 4.00 -6.21 -2.51
C GLN A 31 3.16 -5.14 -3.23
N VAL A 32 1.88 -5.45 -3.45
CA VAL A 32 0.96 -4.56 -4.17
C VAL A 32 0.86 -3.18 -3.52
N CYS A 33 0.61 -3.14 -2.22
CA CYS A 33 0.46 -1.86 -1.53
C CYS A 33 1.75 -1.06 -1.57
N GLU A 34 2.89 -1.75 -1.57
CA GLU A 34 4.18 -1.08 -1.62
C GLU A 34 4.42 -0.56 -3.03
N LYS A 35 4.17 -1.40 -4.02
CA LYS A 35 4.37 -1.07 -5.41
C LYS A 35 3.49 0.09 -5.82
N ARG A 36 2.22 0.03 -5.46
CA ARG A 36 1.28 1.10 -5.78
C ARG A 36 1.66 2.41 -5.11
N LEU A 37 2.19 2.31 -3.90
CA LEU A 37 2.64 3.47 -3.15
C LEU A 37 3.88 4.04 -3.85
N ARG A 38 4.77 3.15 -4.25
CA ARG A 38 5.99 3.51 -4.96
C ARG A 38 5.65 4.09 -6.34
N GLU A 39 4.55 3.64 -6.92
CA GLU A 39 4.05 4.20 -8.17
C GLU A 39 3.47 5.57 -7.96
N ARG A 40 2.81 5.77 -6.83
CA ARG A 40 2.17 7.04 -6.51
C ARG A 40 3.25 8.10 -6.42
N GLU A 41 4.29 7.78 -5.67
CA GLU A 41 5.42 8.67 -5.47
C GLU A 41 6.33 8.67 -6.69
N GLY A 42 6.19 7.66 -7.50
CA GLY A 42 6.95 7.55 -8.73
C GLY A 42 6.32 8.33 -9.85
N ARG A 43 5.10 8.74 -9.63
CA ARG A 43 4.35 9.48 -10.63
C ARG A 43 4.72 10.97 -10.56
N ARG A 44 5.49 11.31 -9.55
CA ARG A 44 5.95 12.65 -9.33
C ARG A 44 7.42 12.56 -8.96
N GLU A 45 8.05 13.69 -8.80
CA GLU A 45 9.39 13.71 -8.28
C GLU A 45 9.33 13.99 -6.80
N VAL A 46 9.59 13.01 -6.02
CA VAL A 46 9.49 13.16 -4.59
C VAL A 46 10.83 13.47 -3.95
N ASP A 47 11.17 14.73 -3.94
CA ASP A 47 12.39 15.19 -3.35
C ASP A 47 12.05 16.09 -2.20
N PRO A 1 -2.14 18.10 1.60
CA PRO A 1 -1.13 17.23 1.07
C PRO A 1 -0.37 16.62 2.23
N ARG A 2 0.16 15.43 2.06
CA ARG A 2 0.93 14.79 3.10
C ARG A 2 2.23 14.27 2.58
N GLY A 3 3.25 14.37 3.39
CA GLY A 3 4.56 13.91 3.03
C GLY A 3 4.68 12.42 3.16
N SER A 4 3.95 11.85 4.09
CA SER A 4 3.99 10.42 4.27
C SER A 4 2.71 9.80 3.74
N PRO A 5 2.79 9.16 2.56
CA PRO A 5 1.65 8.45 1.99
C PRO A 5 1.61 7.02 2.51
N ARG A 6 2.55 6.72 3.39
CA ARG A 6 2.67 5.42 4.05
C ARG A 6 1.36 5.05 4.77
N THR A 7 0.67 6.05 5.26
CA THR A 7 -0.58 5.86 5.95
C THR A 7 -1.64 5.26 5.00
N GLU A 8 -1.66 5.78 3.78
CA GLU A 8 -2.56 5.30 2.74
C GLU A 8 -2.14 3.91 2.30
N TYR A 9 -0.85 3.72 2.24
CA TYR A 9 -0.26 2.47 1.86
C TYR A 9 -0.59 1.37 2.87
N GLU A 10 -0.45 1.66 4.15
CA GLU A 10 -0.75 0.69 5.17
C GLU A 10 -2.23 0.46 5.31
N ALA A 11 -3.03 1.47 4.95
CA ALA A 11 -4.48 1.33 4.94
C ALA A 11 -4.88 0.23 3.96
N CYS A 12 -4.19 0.19 2.81
CA CYS A 12 -4.37 -0.86 1.80
C CYS A 12 -4.06 -2.22 2.41
N ARG A 13 -2.98 -2.26 3.17
CA ARG A 13 -2.53 -3.49 3.80
C ARG A 13 -3.46 -3.94 4.92
N VAL A 14 -3.96 -3.00 5.71
CA VAL A 14 -4.91 -3.31 6.78
C VAL A 14 -6.20 -3.87 6.18
N ARG A 15 -6.60 -3.31 5.03
CA ARG A 15 -7.77 -3.81 4.30
C ARG A 15 -7.54 -5.26 3.92
N CYS A 16 -6.37 -5.56 3.44
CA CYS A 16 -6.03 -6.92 3.06
C CYS A 16 -6.00 -7.87 4.25
N GLN A 17 -5.60 -7.37 5.40
CA GLN A 17 -5.55 -8.20 6.58
C GLN A 17 -6.94 -8.62 7.05
N VAL A 18 -7.91 -7.74 6.87
CA VAL A 18 -9.27 -8.05 7.29
C VAL A 18 -10.10 -8.69 6.15
N ALA A 19 -9.97 -8.16 4.93
CA ALA A 19 -10.75 -8.64 3.79
C ALA A 19 -10.19 -9.93 3.22
N GLU A 20 -8.92 -9.91 2.86
CA GLU A 20 -8.28 -11.09 2.29
C GLU A 20 -8.11 -12.12 3.38
N HIS A 21 -7.44 -11.70 4.45
CA HIS A 21 -7.17 -12.51 5.63
C HIS A 21 -6.44 -13.82 5.30
N GLY A 22 -5.16 -13.74 5.22
CA GLY A 22 -4.35 -14.88 4.91
C GLY A 22 -2.91 -14.47 4.78
N VAL A 23 -2.01 -15.33 5.23
CA VAL A 23 -0.57 -15.04 5.25
C VAL A 23 -0.03 -14.67 3.88
N GLU A 24 -0.40 -15.46 2.88
CA GLU A 24 0.03 -15.24 1.53
C GLU A 24 -0.50 -13.92 1.01
N ARG A 25 -1.78 -13.66 1.24
CA ARG A 25 -2.37 -12.43 0.80
C ARG A 25 -1.88 -11.21 1.58
N GLN A 26 -1.37 -11.45 2.78
CA GLN A 26 -0.70 -10.40 3.54
C GLN A 26 0.58 -10.02 2.82
N ARG A 27 1.31 -11.04 2.35
CA ARG A 27 2.55 -10.85 1.62
C ARG A 27 2.25 -10.23 0.25
N ARG A 28 1.13 -10.67 -0.34
CA ARG A 28 0.62 -10.11 -1.59
C ARG A 28 0.47 -8.61 -1.46
N CYS A 29 -0.34 -8.18 -0.53
CA CYS A 29 -0.59 -6.77 -0.33
C CYS A 29 0.63 -6.02 0.20
N GLN A 30 1.55 -6.72 0.84
CA GLN A 30 2.80 -6.16 1.29
C GLN A 30 3.58 -5.64 0.07
N GLN A 31 3.56 -6.43 -0.99
CA GLN A 31 4.24 -6.10 -2.21
C GLN A 31 3.33 -5.24 -3.11
N VAL A 32 2.11 -5.71 -3.35
CA VAL A 32 1.16 -5.06 -4.24
C VAL A 32 0.81 -3.64 -3.80
N CYS A 33 0.49 -3.43 -2.52
CA CYS A 33 0.13 -2.09 -2.06
C CYS A 33 1.34 -1.16 -2.12
N GLU A 34 2.53 -1.74 -2.07
CA GLU A 34 3.76 -0.96 -2.20
C GLU A 34 3.89 -0.50 -3.64
N LYS A 35 3.62 -1.41 -4.57
CA LYS A 35 3.66 -1.09 -5.98
C LYS A 35 2.62 -0.02 -6.30
N ARG A 36 1.43 -0.19 -5.73
CA ARG A 36 0.34 0.77 -5.89
C ARG A 36 0.72 2.14 -5.35
N LEU A 37 1.38 2.12 -4.21
CA LEU A 37 1.85 3.32 -3.55
C LEU A 37 2.85 4.04 -4.46
N ARG A 38 3.76 3.28 -5.03
CA ARG A 38 4.79 3.82 -5.88
C ARG A 38 4.23 4.24 -7.26
N GLU A 39 3.10 3.66 -7.67
CA GLU A 39 2.43 4.09 -8.92
C GLU A 39 2.06 5.53 -8.76
N ARG A 40 1.47 5.83 -7.62
CA ARG A 40 1.07 7.17 -7.25
C ARG A 40 2.28 8.10 -7.29
N GLU A 41 3.35 7.68 -6.63
CA GLU A 41 4.58 8.46 -6.53
C GLU A 41 5.15 8.78 -7.91
N GLY A 42 5.14 7.79 -8.78
CA GLY A 42 5.69 7.97 -10.12
C GLY A 42 4.76 8.72 -11.05
N ARG A 43 3.52 8.84 -10.65
CA ARG A 43 2.51 9.51 -11.46
C ARG A 43 2.40 10.97 -11.03
N ARG A 44 2.85 11.28 -9.84
CA ARG A 44 2.74 12.63 -9.31
C ARG A 44 4.01 13.41 -9.55
N GLU A 45 3.89 14.49 -10.29
CA GLU A 45 5.01 15.40 -10.51
C GLU A 45 4.90 16.55 -9.52
N VAL A 46 4.26 16.27 -8.41
CA VAL A 46 4.02 17.24 -7.37
C VAL A 46 4.04 16.49 -6.03
N ASP A 47 4.41 17.18 -5.00
CA ASP A 47 4.42 16.63 -3.67
C ASP A 47 3.56 17.49 -2.76
N PRO A 1 -4.77 8.81 1.89
CA PRO A 1 -4.92 10.24 1.77
C PRO A 1 -3.61 10.83 1.30
N ARG A 2 -3.49 12.12 1.35
CA ARG A 2 -2.28 12.80 1.01
C ARG A 2 -1.58 13.16 2.31
N GLY A 3 -0.40 13.74 2.23
CA GLY A 3 0.31 14.06 3.44
C GLY A 3 1.14 12.88 3.88
N SER A 4 0.47 11.85 4.30
CA SER A 4 1.11 10.62 4.66
C SER A 4 0.59 9.50 3.75
N PRO A 5 1.33 9.19 2.68
CA PRO A 5 0.94 8.14 1.77
C PRO A 5 1.36 6.76 2.26
N ARG A 6 2.36 6.71 3.13
CA ARG A 6 2.88 5.42 3.62
C ARG A 6 1.84 4.75 4.49
N THR A 7 1.09 5.56 5.21
CA THR A 7 0.05 5.07 6.08
C THR A 7 -1.14 4.57 5.28
N GLU A 8 -1.35 5.14 4.09
CA GLU A 8 -2.42 4.71 3.20
C GLU A 8 -2.05 3.33 2.67
N TYR A 9 -0.81 3.22 2.28
CA TYR A 9 -0.24 1.99 1.82
C TYR A 9 -0.26 0.94 2.94
N GLU A 10 0.01 1.37 4.16
CA GLU A 10 -0.06 0.49 5.31
C GLU A 10 -1.50 0.02 5.53
N ALA A 11 -2.43 0.95 5.39
CA ALA A 11 -3.85 0.65 5.53
C ALA A 11 -4.31 -0.32 4.45
N CYS A 12 -3.71 -0.21 3.27
CA CYS A 12 -3.99 -1.10 2.14
C CYS A 12 -3.57 -2.54 2.52
N ARG A 13 -2.44 -2.63 3.22
CA ARG A 13 -1.89 -3.88 3.70
C ARG A 13 -2.83 -4.51 4.73
N VAL A 14 -3.19 -3.70 5.72
CA VAL A 14 -4.08 -4.13 6.80
C VAL A 14 -5.48 -4.49 6.25
N ARG A 15 -5.90 -3.77 5.21
CA ARG A 15 -7.19 -4.02 4.56
C ARG A 15 -7.22 -5.44 4.04
N CYS A 16 -6.19 -5.86 3.33
CA CYS A 16 -6.10 -7.22 2.83
C CYS A 16 -6.00 -8.23 3.94
N GLN A 17 -5.39 -7.83 5.04
CA GLN A 17 -5.26 -8.70 6.19
C GLN A 17 -6.67 -9.06 6.73
N VAL A 18 -7.59 -8.13 6.57
CA VAL A 18 -8.96 -8.35 6.99
C VAL A 18 -9.78 -8.95 5.82
N ALA A 19 -9.82 -8.23 4.71
CA ALA A 19 -10.65 -8.59 3.56
C ALA A 19 -10.27 -9.90 2.92
N GLU A 20 -8.98 -10.12 2.69
CA GLU A 20 -8.53 -11.36 2.06
C GLU A 20 -8.37 -12.43 3.11
N HIS A 21 -7.88 -12.00 4.28
CA HIS A 21 -7.66 -12.85 5.46
C HIS A 21 -6.63 -13.96 5.19
N GLY A 22 -5.42 -13.71 5.62
CA GLY A 22 -4.36 -14.65 5.42
C GLY A 22 -3.04 -13.94 5.32
N VAL A 23 -1.99 -14.57 5.81
CA VAL A 23 -0.66 -13.99 5.82
C VAL A 23 -0.12 -13.83 4.40
N GLU A 24 -0.31 -14.84 3.58
CA GLU A 24 0.18 -14.82 2.20
C GLU A 24 -0.59 -13.77 1.41
N ARG A 25 -1.86 -13.65 1.73
CA ARG A 25 -2.74 -12.67 1.12
C ARG A 25 -2.30 -11.26 1.50
N GLN A 26 -2.02 -11.08 2.78
CA GLN A 26 -1.55 -9.81 3.32
C GLN A 26 -0.20 -9.45 2.71
N ARG A 27 0.70 -10.42 2.65
CA ARG A 27 2.03 -10.23 2.10
C ARG A 27 1.96 -9.84 0.62
N ARG A 28 1.05 -10.47 -0.12
CA ARG A 28 0.88 -10.14 -1.52
C ARG A 28 0.44 -8.70 -1.64
N CYS A 29 -0.54 -8.32 -0.84
CA CYS A 29 -0.99 -6.95 -0.82
C CYS A 29 0.08 -6.01 -0.35
N GLN A 30 0.97 -6.46 0.52
CA GLN A 30 2.11 -5.67 0.92
C GLN A 30 2.93 -5.30 -0.30
N GLN A 31 3.13 -6.27 -1.18
CA GLN A 31 3.89 -6.04 -2.39
C GLN A 31 3.10 -5.14 -3.33
N VAL A 32 1.86 -5.52 -3.59
CA VAL A 32 0.97 -4.79 -4.51
C VAL A 32 0.76 -3.34 -4.06
N CYS A 33 0.43 -3.14 -2.80
CA CYS A 33 0.18 -1.81 -2.28
C CYS A 33 1.47 -1.01 -2.21
N GLU A 34 2.61 -1.69 -2.05
CA GLU A 34 3.89 -1.01 -2.01
C GLU A 34 4.23 -0.56 -3.41
N LYS A 35 3.92 -1.42 -4.37
CA LYS A 35 4.10 -1.12 -5.77
C LYS A 35 3.22 0.07 -6.15
N ARG A 36 1.96 0.03 -5.70
CA ARG A 36 1.00 1.15 -5.89
C ARG A 36 1.59 2.45 -5.39
N LEU A 37 2.11 2.40 -4.18
CA LEU A 37 2.65 3.57 -3.54
C LEU A 37 3.92 4.03 -4.27
N ARG A 38 4.74 3.08 -4.67
CA ARG A 38 5.97 3.36 -5.38
C ARG A 38 5.68 3.90 -6.79
N GLU A 39 4.65 3.38 -7.43
CA GLU A 39 4.22 3.88 -8.73
C GLU A 39 3.61 5.26 -8.58
N ARG A 40 3.04 5.53 -7.41
CA ARG A 40 2.49 6.84 -7.06
C ARG A 40 3.64 7.83 -6.95
N GLU A 41 4.74 7.37 -6.40
CA GLU A 41 5.97 8.15 -6.32
C GLU A 41 6.54 8.37 -7.71
N GLY A 42 6.32 7.37 -8.57
CA GLY A 42 6.74 7.45 -9.95
C GLY A 42 5.88 8.42 -10.75
N ARG A 43 4.67 8.65 -10.28
CA ARG A 43 3.76 9.60 -10.92
C ARG A 43 4.13 11.00 -10.51
N ARG A 44 4.74 11.13 -9.35
CA ARG A 44 5.20 12.40 -8.86
C ARG A 44 6.33 12.89 -9.74
N GLU A 45 6.45 14.17 -9.84
CA GLU A 45 7.51 14.76 -10.60
C GLU A 45 8.54 15.26 -9.61
N VAL A 46 9.60 14.51 -9.43
CA VAL A 46 10.61 14.88 -8.47
C VAL A 46 11.44 16.04 -8.97
N ASP A 47 11.59 17.02 -8.13
CA ASP A 47 12.29 18.23 -8.47
C ASP A 47 13.48 18.41 -7.56
N PRO A 1 -5.13 17.57 -0.47
CA PRO A 1 -3.73 17.87 -0.30
C PRO A 1 -2.94 16.58 -0.45
N ARG A 2 -1.64 16.65 -0.26
CA ARG A 2 -0.82 15.48 -0.37
C ARG A 2 0.07 15.37 0.84
N GLY A 3 0.70 14.25 1.00
CA GLY A 3 1.57 14.03 2.11
C GLY A 3 2.09 12.65 2.07
N SER A 4 2.35 12.09 3.24
CA SER A 4 2.86 10.74 3.37
C SER A 4 1.87 9.74 2.73
N PRO A 5 2.26 9.14 1.60
CA PRO A 5 1.40 8.26 0.83
C PRO A 5 1.33 6.86 1.39
N ARG A 6 2.11 6.64 2.43
CA ARG A 6 2.18 5.36 3.12
C ARG A 6 0.84 4.98 3.76
N THR A 7 -0.01 5.99 3.96
CA THR A 7 -1.34 5.78 4.50
C THR A 7 -2.17 4.84 3.57
N GLU A 8 -1.91 4.91 2.26
CA GLU A 8 -2.57 4.04 1.29
C GLU A 8 -2.03 2.63 1.45
N TYR A 9 -0.72 2.58 1.53
CA TYR A 9 0.07 1.40 1.62
C TYR A 9 -0.25 0.59 2.87
N GLU A 10 -0.27 1.26 4.02
CA GLU A 10 -0.51 0.61 5.28
C GLU A 10 -1.95 0.11 5.35
N ALA A 11 -2.88 0.94 4.88
CA ALA A 11 -4.29 0.58 4.87
C ALA A 11 -4.52 -0.65 4.01
N CYS A 12 -3.76 -0.73 2.94
CA CYS A 12 -3.81 -1.85 2.01
C CYS A 12 -3.43 -3.16 2.72
N ARG A 13 -2.45 -3.10 3.61
CA ARG A 13 -2.01 -4.27 4.34
C ARG A 13 -3.03 -4.70 5.37
N VAL A 14 -3.64 -3.73 6.01
CA VAL A 14 -4.69 -4.01 6.99
C VAL A 14 -5.92 -4.56 6.27
N ARG A 15 -6.28 -3.89 5.18
CA ARG A 15 -7.43 -4.24 4.35
C ARG A 15 -7.38 -5.70 3.95
N CYS A 16 -6.29 -6.11 3.36
CA CYS A 16 -6.16 -7.46 2.90
C CYS A 16 -6.04 -8.46 4.05
N GLN A 17 -5.56 -8.02 5.18
CA GLN A 17 -5.50 -8.92 6.31
C GLN A 17 -6.92 -9.19 6.82
N VAL A 18 -7.75 -8.16 6.80
CA VAL A 18 -9.12 -8.28 7.27
C VAL A 18 -10.03 -8.93 6.19
N ALA A 19 -9.94 -8.43 4.98
CA ALA A 19 -10.81 -8.89 3.88
C ALA A 19 -10.35 -10.22 3.30
N GLU A 20 -9.11 -10.28 2.85
CA GLU A 20 -8.59 -11.47 2.21
C GLU A 20 -8.37 -12.56 3.25
N HIS A 21 -7.88 -12.13 4.42
CA HIS A 21 -7.62 -12.99 5.59
C HIS A 21 -6.43 -13.91 5.33
N GLY A 22 -5.32 -13.58 5.90
CA GLY A 22 -4.16 -14.39 5.76
C GLY A 22 -2.91 -13.59 5.58
N VAL A 23 -1.82 -14.13 6.04
CA VAL A 23 -0.53 -13.48 5.98
C VAL A 23 -0.05 -13.41 4.54
N GLU A 24 -0.22 -14.50 3.79
CA GLU A 24 0.24 -14.54 2.41
C GLU A 24 -0.62 -13.64 1.54
N ARG A 25 -1.89 -13.54 1.89
CA ARG A 25 -2.80 -12.64 1.19
C ARG A 25 -2.41 -11.20 1.48
N GLN A 26 -2.03 -10.95 2.74
CA GLN A 26 -1.58 -9.64 3.16
C GLN A 26 -0.30 -9.25 2.43
N ARG A 27 0.64 -10.20 2.33
CA ARG A 27 1.91 -10.00 1.64
C ARG A 27 1.71 -9.71 0.16
N ARG A 28 0.69 -10.33 -0.42
CA ARG A 28 0.36 -10.13 -1.81
C ARG A 28 -0.03 -8.68 -2.05
N CYS A 29 -0.89 -8.19 -1.19
CA CYS A 29 -1.33 -6.81 -1.24
C CYS A 29 -0.21 -5.87 -0.86
N GLN A 30 0.64 -6.32 0.07
CA GLN A 30 1.81 -5.57 0.48
C GLN A 30 2.70 -5.31 -0.72
N GLN A 31 2.99 -6.36 -1.48
CA GLN A 31 3.83 -6.26 -2.66
C GLN A 31 3.26 -5.23 -3.64
N VAL A 32 1.97 -5.34 -3.93
CA VAL A 32 1.30 -4.45 -4.86
C VAL A 32 1.27 -3.00 -4.33
N CYS A 33 0.92 -2.84 -3.09
CA CYS A 33 0.82 -1.52 -2.53
C CYS A 33 2.18 -0.92 -2.18
N GLU A 34 3.20 -1.76 -2.09
CA GLU A 34 4.55 -1.30 -1.93
C GLU A 34 5.04 -0.76 -3.25
N LYS A 35 4.54 -1.37 -4.32
CA LYS A 35 4.82 -0.94 -5.67
C LYS A 35 4.16 0.44 -5.85
N ARG A 36 2.94 0.57 -5.33
CA ARG A 36 2.22 1.84 -5.34
C ARG A 36 2.96 2.89 -4.52
N LEU A 37 3.44 2.48 -3.36
CA LEU A 37 4.22 3.34 -2.49
C LEU A 37 5.49 3.80 -3.19
N ARG A 38 6.15 2.88 -3.89
CA ARG A 38 7.38 3.17 -4.64
C ARG A 38 7.09 4.19 -5.73
N GLU A 39 5.92 4.09 -6.34
CA GLU A 39 5.53 5.06 -7.34
C GLU A 39 5.22 6.39 -6.70
N ARG A 40 4.41 6.37 -5.64
CA ARG A 40 4.04 7.57 -4.95
C ARG A 40 5.26 8.32 -4.40
N GLU A 41 6.06 7.64 -3.58
CA GLU A 41 7.27 8.24 -2.99
C GLU A 41 8.33 8.48 -4.05
N GLY A 42 8.22 7.79 -5.16
CA GLY A 42 9.16 7.93 -6.24
C GLY A 42 8.97 9.21 -7.00
N ARG A 43 7.73 9.65 -7.13
CA ARG A 43 7.44 10.87 -7.87
C ARG A 43 7.34 12.04 -6.88
N ARG A 44 7.00 11.72 -5.65
CA ARG A 44 6.87 12.70 -4.60
C ARG A 44 8.23 13.04 -4.02
N GLU A 45 8.54 14.33 -3.99
CA GLU A 45 9.79 14.85 -3.45
C GLU A 45 10.99 14.21 -4.14
N VAL A 46 10.92 14.10 -5.44
CA VAL A 46 12.00 13.54 -6.21
C VAL A 46 12.98 14.65 -6.59
N ASP A 47 14.24 14.38 -6.50
CA ASP A 47 15.25 15.37 -6.79
C ASP A 47 15.97 14.98 -8.05
N PRO A 1 -9.27 17.78 5.48
CA PRO A 1 -7.98 17.56 4.90
C PRO A 1 -7.77 16.07 4.72
N ARG A 2 -6.76 15.69 3.99
CA ARG A 2 -6.47 14.29 3.78
C ARG A 2 -5.18 13.94 4.48
N GLY A 3 -4.87 12.67 4.53
CA GLY A 3 -3.63 12.25 5.10
C GLY A 3 -2.55 12.19 4.03
N SER A 4 -1.39 11.73 4.40
CA SER A 4 -0.32 11.56 3.46
C SER A 4 -0.57 10.27 2.65
N PRO A 5 0.05 10.10 1.46
CA PRO A 5 -0.09 8.87 0.63
C PRO A 5 0.19 7.58 1.42
N ARG A 6 0.97 7.72 2.50
CA ARG A 6 1.26 6.62 3.40
C ARG A 6 -0.02 6.00 3.96
N THR A 7 -1.00 6.84 4.31
CA THR A 7 -2.23 6.35 4.87
C THR A 7 -3.00 5.48 3.86
N GLU A 8 -2.78 5.73 2.57
CA GLU A 8 -3.47 5.02 1.52
C GLU A 8 -2.99 3.57 1.45
N TYR A 9 -1.69 3.37 1.33
CA TYR A 9 -1.19 2.02 1.17
C TYR A 9 -1.25 1.25 2.50
N GLU A 10 -1.15 1.99 3.61
CA GLU A 10 -1.23 1.39 4.93
C GLU A 10 -2.66 0.88 5.15
N ALA A 11 -3.64 1.62 4.63
CA ALA A 11 -5.04 1.22 4.70
C ALA A 11 -5.28 -0.02 3.87
N CYS A 12 -4.49 -0.18 2.81
CA CYS A 12 -4.53 -1.36 1.96
C CYS A 12 -4.14 -2.59 2.78
N ARG A 13 -3.10 -2.45 3.59
CA ARG A 13 -2.65 -3.52 4.49
C ARG A 13 -3.77 -3.92 5.42
N VAL A 14 -4.41 -2.90 6.02
CA VAL A 14 -5.55 -3.10 6.92
C VAL A 14 -6.68 -3.82 6.18
N ARG A 15 -6.92 -3.41 4.93
CA ARG A 15 -7.94 -4.00 4.09
C ARG A 15 -7.64 -5.47 3.90
N CYS A 16 -6.43 -5.76 3.51
CA CYS A 16 -6.02 -7.10 3.24
C CYS A 16 -6.02 -8.00 4.46
N GLN A 17 -5.69 -7.50 5.62
CA GLN A 17 -5.66 -8.36 6.79
C GLN A 17 -7.09 -8.67 7.28
N VAL A 18 -8.03 -7.83 6.89
CA VAL A 18 -9.41 -8.07 7.24
C VAL A 18 -10.15 -8.82 6.12
N ALA A 19 -10.15 -8.25 4.93
CA ALA A 19 -10.89 -8.80 3.79
C ALA A 19 -10.25 -10.07 3.26
N GLU A 20 -8.95 -10.05 3.03
CA GLU A 20 -8.25 -11.21 2.49
C GLU A 20 -8.00 -12.17 3.63
N HIS A 21 -7.39 -11.62 4.69
CA HIS A 21 -7.07 -12.31 5.93
C HIS A 21 -6.20 -13.56 5.67
N GLY A 22 -4.90 -13.37 5.72
CA GLY A 22 -3.98 -14.43 5.48
C GLY A 22 -2.60 -13.90 5.29
N VAL A 23 -1.60 -14.68 5.65
CA VAL A 23 -0.21 -14.26 5.55
C VAL A 23 0.18 -14.12 4.08
N GLU A 24 -0.10 -15.16 3.32
CA GLU A 24 0.16 -15.22 1.88
C GLU A 24 -0.53 -14.04 1.19
N ARG A 25 -1.72 -13.77 1.66
CA ARG A 25 -2.56 -12.75 1.10
C ARG A 25 -2.01 -11.35 1.42
N GLN A 26 -1.43 -11.19 2.60
CA GLN A 26 -0.78 -9.93 2.93
C GLN A 26 0.53 -9.77 2.20
N ARG A 27 1.22 -10.89 1.94
CA ARG A 27 2.44 -10.88 1.12
C ARG A 27 2.10 -10.38 -0.29
N ARG A 28 0.97 -10.87 -0.79
CA ARG A 28 0.42 -10.47 -2.07
C ARG A 28 0.15 -8.97 -2.07
N CYS A 29 -0.57 -8.51 -1.06
CA CYS A 29 -0.90 -7.11 -0.94
C CYS A 29 0.33 -6.22 -0.74
N GLN A 30 1.35 -6.76 -0.11
CA GLN A 30 2.63 -6.05 0.06
C GLN A 30 3.27 -5.77 -1.30
N GLN A 31 3.21 -6.77 -2.17
CA GLN A 31 3.75 -6.65 -3.52
C GLN A 31 2.98 -5.59 -4.29
N VAL A 32 1.71 -5.50 -4.01
CA VAL A 32 0.86 -4.56 -4.69
C VAL A 32 0.99 -3.16 -4.09
N CYS A 33 0.61 -3.03 -2.84
CA CYS A 33 0.49 -1.74 -2.20
C CYS A 33 1.79 -1.03 -1.85
N GLU A 34 2.80 -1.74 -1.33
CA GLU A 34 4.09 -1.08 -1.12
C GLU A 34 4.71 -0.63 -2.42
N LYS A 35 4.51 -1.41 -3.46
CA LYS A 35 5.02 -1.07 -4.77
C LYS A 35 4.22 0.09 -5.34
N ARG A 36 2.91 0.11 -5.09
CA ARG A 36 2.08 1.23 -5.49
C ARG A 36 2.57 2.51 -4.84
N LEU A 37 2.84 2.43 -3.54
CA LEU A 37 3.33 3.57 -2.77
C LEU A 37 4.73 3.98 -3.29
N ARG A 38 5.51 2.98 -3.67
CA ARG A 38 6.85 3.20 -4.21
C ARG A 38 6.76 4.02 -5.50
N GLU A 39 5.78 3.71 -6.33
CA GLU A 39 5.58 4.42 -7.60
C GLU A 39 4.88 5.74 -7.35
N ARG A 40 4.02 5.75 -6.35
CA ARG A 40 3.22 6.90 -5.91
C ARG A 40 4.14 8.10 -5.69
N GLU A 41 5.18 7.90 -4.91
CA GLU A 41 6.16 8.94 -4.65
C GLU A 41 7.24 8.97 -5.73
N GLY A 42 7.57 7.81 -6.30
CA GLY A 42 8.63 7.69 -7.29
C GLY A 42 8.34 8.43 -8.59
N ARG A 43 7.08 8.43 -8.98
CA ARG A 43 6.64 9.12 -10.18
C ARG A 43 6.16 10.52 -9.82
N ARG A 44 5.93 10.70 -8.53
CA ARG A 44 5.36 11.91 -7.95
C ARG A 44 3.98 12.20 -8.53
N GLU A 45 3.01 11.52 -8.00
CA GLU A 45 1.64 11.68 -8.42
C GLU A 45 0.80 11.82 -7.14
N VAL A 46 1.45 12.35 -6.14
CA VAL A 46 0.87 12.53 -4.83
C VAL A 46 0.26 13.92 -4.69
N ASP A 47 -0.73 14.02 -3.86
CA ASP A 47 -1.37 15.27 -3.55
C ASP A 47 -1.30 15.47 -2.07
N PRO A 1 -1.36 18.09 -3.52
CA PRO A 1 -2.01 17.43 -2.42
C PRO A 1 -0.96 16.69 -1.63
N ARG A 2 -1.17 16.54 -0.34
CA ARG A 2 -0.22 15.89 0.51
C ARG A 2 -0.89 14.98 1.52
N GLY A 3 -0.08 14.23 2.21
CA GLY A 3 -0.54 13.29 3.20
C GLY A 3 0.57 12.34 3.49
N SER A 4 0.43 11.53 4.50
CA SER A 4 1.47 10.60 4.84
C SER A 4 1.36 9.32 4.02
N PRO A 5 2.38 9.02 3.18
CA PRO A 5 2.38 7.81 2.33
C PRO A 5 2.23 6.55 3.16
N ARG A 6 2.96 6.51 4.27
CA ARG A 6 2.96 5.37 5.17
C ARG A 6 1.56 4.94 5.64
N THR A 7 0.70 5.89 5.93
CA THR A 7 -0.62 5.57 6.45
C THR A 7 -1.54 5.06 5.35
N GLU A 8 -1.40 5.62 4.16
CA GLU A 8 -2.18 5.18 3.00
C GLU A 8 -1.77 3.75 2.64
N TYR A 9 -0.47 3.53 2.64
CA TYR A 9 0.13 2.26 2.36
C TYR A 9 -0.30 1.22 3.39
N GLU A 10 -0.22 1.62 4.65
CA GLU A 10 -0.63 0.80 5.76
C GLU A 10 -2.09 0.38 5.61
N ALA A 11 -2.94 1.34 5.27
CA ALA A 11 -4.38 1.12 5.13
C ALA A 11 -4.67 0.07 4.06
N CYS A 12 -3.89 0.09 3.00
CA CYS A 12 -4.05 -0.86 1.91
C CYS A 12 -3.70 -2.28 2.41
N ARG A 13 -2.67 -2.36 3.26
CA ARG A 13 -2.28 -3.64 3.85
C ARG A 13 -3.33 -4.10 4.82
N VAL A 14 -3.79 -3.19 5.68
CA VAL A 14 -4.84 -3.47 6.68
C VAL A 14 -6.11 -3.98 5.99
N ARG A 15 -6.41 -3.39 4.83
CA ARG A 15 -7.55 -3.81 4.00
C ARG A 15 -7.42 -5.31 3.72
N CYS A 16 -6.27 -5.71 3.23
CA CYS A 16 -6.01 -7.10 2.94
C CYS A 16 -5.93 -7.95 4.20
N GLN A 17 -5.52 -7.36 5.31
CA GLN A 17 -5.43 -8.10 6.57
C GLN A 17 -6.81 -8.51 7.08
N VAL A 18 -7.82 -7.77 6.69
CA VAL A 18 -9.17 -8.09 7.12
C VAL A 18 -9.94 -8.82 6.00
N ALA A 19 -9.88 -8.28 4.80
CA ALA A 19 -10.59 -8.84 3.67
C ALA A 19 -10.00 -10.17 3.24
N GLU A 20 -8.72 -10.18 2.95
CA GLU A 20 -8.05 -11.40 2.55
C GLU A 20 -7.77 -12.22 3.80
N HIS A 21 -7.13 -11.57 4.77
CA HIS A 21 -6.78 -12.11 6.10
C HIS A 21 -5.64 -13.14 6.06
N GLY A 22 -5.69 -14.02 5.08
CA GLY A 22 -4.66 -15.03 4.91
C GLY A 22 -3.29 -14.42 4.72
N VAL A 23 -2.31 -14.97 5.44
CA VAL A 23 -0.93 -14.50 5.45
C VAL A 23 -0.33 -14.40 4.05
N GLU A 24 -0.60 -15.39 3.22
CA GLU A 24 -0.09 -15.42 1.84
C GLU A 24 -0.55 -14.18 1.07
N ARG A 25 -1.84 -13.91 1.13
CA ARG A 25 -2.41 -12.78 0.44
C ARG A 25 -2.06 -11.46 1.12
N GLN A 26 -1.81 -11.51 2.42
CA GLN A 26 -1.35 -10.35 3.16
C GLN A 26 0.02 -9.93 2.64
N ARG A 27 0.92 -10.90 2.55
CA ARG A 27 2.27 -10.66 2.05
C ARG A 27 2.21 -10.21 0.59
N ARG A 28 1.26 -10.77 -0.13
CA ARG A 28 1.03 -10.41 -1.51
C ARG A 28 0.68 -8.93 -1.58
N CYS A 29 -0.29 -8.54 -0.76
CA CYS A 29 -0.73 -7.17 -0.68
C CYS A 29 0.35 -6.24 -0.21
N GLN A 30 1.31 -6.74 0.55
CA GLN A 30 2.43 -5.92 1.00
C GLN A 30 3.13 -5.32 -0.22
N GLN A 31 3.40 -6.15 -1.21
CA GLN A 31 4.07 -5.70 -2.39
C GLN A 31 3.12 -4.98 -3.34
N VAL A 32 1.89 -5.48 -3.45
CA VAL A 32 0.89 -4.83 -4.30
C VAL A 32 0.64 -3.40 -3.83
N CYS A 33 0.41 -3.25 -2.55
CA CYS A 33 0.16 -1.95 -1.96
C CYS A 33 1.42 -1.10 -1.95
N GLU A 34 2.59 -1.73 -1.88
CA GLU A 34 3.84 -1.03 -1.93
C GLU A 34 4.02 -0.44 -3.32
N LYS A 35 3.76 -1.26 -4.33
CA LYS A 35 3.87 -0.83 -5.70
C LYS A 35 2.86 0.28 -5.99
N ARG A 36 1.65 0.14 -5.45
CA ARG A 36 0.63 1.18 -5.57
C ARG A 36 1.12 2.48 -4.94
N LEU A 37 1.84 2.34 -3.84
CA LEU A 37 2.38 3.47 -3.12
C LEU A 37 3.51 4.08 -3.96
N ARG A 38 4.36 3.24 -4.55
CA ARG A 38 5.48 3.69 -5.39
C ARG A 38 4.98 4.47 -6.59
N GLU A 39 3.87 4.05 -7.14
CA GLU A 39 3.27 4.74 -8.25
C GLU A 39 2.68 6.06 -7.80
N ARG A 40 2.14 6.06 -6.61
CA ARG A 40 1.55 7.25 -6.03
C ARG A 40 2.62 8.28 -5.70
N GLU A 41 3.69 7.84 -5.04
CA GLU A 41 4.78 8.74 -4.69
C GLU A 41 5.49 9.21 -5.94
N GLY A 42 5.64 8.31 -6.93
CA GLY A 42 6.32 8.66 -8.17
C GLY A 42 5.53 9.67 -8.98
N ARG A 43 4.23 9.63 -8.83
CA ARG A 43 3.32 10.54 -9.50
C ARG A 43 3.45 11.95 -8.88
N ARG A 44 3.79 12.01 -7.61
CA ARG A 44 3.94 13.28 -6.92
C ARG A 44 5.39 13.74 -6.99
N GLU A 45 6.28 12.92 -6.52
CA GLU A 45 7.68 13.19 -6.49
C GLU A 45 8.32 12.52 -7.70
N VAL A 46 8.61 13.32 -8.70
CA VAL A 46 9.23 12.81 -9.90
C VAL A 46 10.74 12.70 -9.70
N ASP A 47 11.36 11.81 -10.43
CA ASP A 47 12.79 11.58 -10.30
C ASP A 47 13.45 11.79 -11.64
N PRO A 1 -0.70 14.18 -3.55
CA PRO A 1 -1.90 13.40 -3.67
C PRO A 1 -2.85 13.84 -2.59
N ARG A 2 -4.03 13.28 -2.57
CA ARG A 2 -5.03 13.61 -1.56
C ARG A 2 -4.60 13.03 -0.22
N GLY A 3 -4.43 13.92 0.74
CA GLY A 3 -4.01 13.52 2.05
C GLY A 3 -2.51 13.38 2.13
N SER A 4 -2.03 12.30 1.57
CA SER A 4 -0.62 11.97 1.55
C SER A 4 -0.47 10.69 0.75
N PRO A 5 0.74 10.31 0.32
CA PRO A 5 0.96 9.00 -0.32
C PRO A 5 0.71 7.88 0.69
N ARG A 6 1.07 8.19 1.93
CA ARG A 6 0.95 7.26 3.06
C ARG A 6 -0.47 6.72 3.26
N THR A 7 -1.47 7.59 3.14
CA THR A 7 -2.86 7.21 3.40
C THR A 7 -3.31 6.01 2.53
N GLU A 8 -2.84 5.96 1.29
CA GLU A 8 -3.22 4.89 0.37
C GLU A 8 -2.58 3.59 0.83
N TYR A 9 -1.27 3.64 0.99
CA TYR A 9 -0.47 2.51 1.33
C TYR A 9 -0.84 1.91 2.68
N GLU A 10 -0.94 2.75 3.68
CA GLU A 10 -1.26 2.33 5.03
C GLU A 10 -2.64 1.64 5.08
N ALA A 11 -3.64 2.28 4.46
CA ALA A 11 -4.99 1.73 4.43
C ALA A 11 -5.01 0.43 3.65
N CYS A 12 -4.25 0.39 2.57
CA CYS A 12 -4.14 -0.78 1.71
C CYS A 12 -3.67 -2.00 2.50
N ARG A 13 -2.70 -1.80 3.41
CA ARG A 13 -2.16 -2.89 4.22
C ARG A 13 -3.25 -3.44 5.13
N VAL A 14 -3.95 -2.55 5.79
CA VAL A 14 -5.03 -2.93 6.71
C VAL A 14 -6.19 -3.58 5.94
N ARG A 15 -6.50 -3.02 4.77
CA ARG A 15 -7.59 -3.50 3.92
C ARG A 15 -7.43 -4.99 3.62
N CYS A 16 -6.28 -5.36 3.08
CA CYS A 16 -6.04 -6.76 2.78
C CYS A 16 -5.81 -7.60 4.01
N GLN A 17 -5.42 -6.98 5.10
CA GLN A 17 -5.23 -7.70 6.33
C GLN A 17 -6.57 -8.23 6.82
N VAL A 18 -7.60 -7.43 6.66
CA VAL A 18 -8.96 -7.79 7.05
C VAL A 18 -9.64 -8.62 5.94
N ALA A 19 -9.38 -8.27 4.70
CA ALA A 19 -10.00 -8.95 3.57
C ALA A 19 -9.41 -10.34 3.30
N GLU A 20 -8.10 -10.40 3.08
CA GLU A 20 -7.45 -11.64 2.72
C GLU A 20 -7.32 -12.56 3.92
N HIS A 21 -6.86 -11.99 5.04
CA HIS A 21 -6.69 -12.70 6.35
C HIS A 21 -5.50 -13.70 6.32
N GLY A 22 -5.47 -14.56 5.32
CA GLY A 22 -4.39 -15.51 5.18
C GLY A 22 -3.10 -14.81 4.84
N VAL A 23 -2.04 -15.17 5.55
CA VAL A 23 -0.74 -14.50 5.43
C VAL A 23 -0.18 -14.52 4.01
N GLU A 24 -0.35 -15.63 3.31
CA GLU A 24 0.15 -15.74 1.93
C GLU A 24 -0.44 -14.67 1.01
N ARG A 25 -1.76 -14.54 1.03
CA ARG A 25 -2.43 -13.54 0.21
C ARG A 25 -2.25 -12.14 0.75
N GLN A 26 -2.14 -12.03 2.05
CA GLN A 26 -1.93 -10.74 2.69
C GLN A 26 -0.52 -10.22 2.34
N ARG A 27 0.45 -11.13 2.34
CA ARG A 27 1.83 -10.83 2.00
C ARG A 27 1.90 -10.35 0.54
N ARG A 28 1.03 -10.92 -0.31
CA ARG A 28 0.94 -10.49 -1.71
C ARG A 28 0.42 -9.06 -1.78
N CYS A 29 -0.69 -8.83 -1.08
CA CYS A 29 -1.33 -7.52 -1.03
C CYS A 29 -0.40 -6.41 -0.62
N GLN A 30 0.33 -6.60 0.47
CA GLN A 30 1.20 -5.56 0.98
C GLN A 30 2.27 -5.16 -0.03
N GLN A 31 2.69 -6.11 -0.86
CA GLN A 31 3.66 -5.84 -1.90
C GLN A 31 3.03 -4.99 -2.99
N VAL A 32 1.78 -5.28 -3.31
CA VAL A 32 1.04 -4.50 -4.29
C VAL A 32 0.84 -3.08 -3.74
N CYS A 33 0.55 -3.01 -2.46
CA CYS A 33 0.38 -1.73 -1.77
C CYS A 33 1.62 -0.86 -1.88
N GLU A 34 2.80 -1.43 -1.62
CA GLU A 34 4.03 -0.66 -1.70
C GLU A 34 4.46 -0.42 -3.14
N LYS A 35 4.06 -1.32 -4.04
CA LYS A 35 4.29 -1.15 -5.46
C LYS A 35 3.57 0.10 -5.93
N ARG A 36 2.27 0.18 -5.63
CA ARG A 36 1.47 1.34 -6.02
C ARG A 36 1.94 2.57 -5.29
N LEU A 37 2.46 2.37 -4.09
CA LEU A 37 2.98 3.46 -3.27
C LEU A 37 4.20 4.05 -3.92
N ARG A 38 5.09 3.20 -4.44
CA ARG A 38 6.29 3.68 -5.11
C ARG A 38 5.89 4.45 -6.38
N GLU A 39 4.83 3.99 -7.02
CA GLU A 39 4.27 4.68 -8.17
C GLU A 39 3.73 6.03 -7.72
N ARG A 40 2.96 6.01 -6.65
CA ARG A 40 2.34 7.18 -6.04
C ARG A 40 3.40 8.24 -5.70
N GLU A 41 4.51 7.80 -5.14
CA GLU A 41 5.59 8.69 -4.80
C GLU A 41 6.18 9.33 -6.03
N GLY A 42 6.29 8.56 -7.11
CA GLY A 42 6.85 9.07 -8.35
C GLY A 42 5.88 10.01 -9.04
N ARG A 43 4.64 9.97 -8.64
CA ARG A 43 3.65 10.88 -9.16
C ARG A 43 3.70 12.17 -8.37
N ARG A 44 4.10 12.08 -7.12
CA ARG A 44 4.26 13.26 -6.30
C ARG A 44 5.57 13.93 -6.67
N GLU A 45 6.60 13.13 -6.72
CA GLU A 45 7.93 13.56 -7.03
C GLU A 45 8.27 13.05 -8.42
N VAL A 46 8.03 13.86 -9.43
CA VAL A 46 8.22 13.42 -10.79
C VAL A 46 9.62 13.78 -11.32
N ASP A 47 10.17 14.87 -10.86
CA ASP A 47 11.46 15.33 -11.32
C ASP A 47 12.53 15.01 -10.30
N PRO A 1 7.97 15.78 7.66
CA PRO A 1 7.77 14.40 7.26
C PRO A 1 8.15 14.26 5.81
N ARG A 2 8.01 13.07 5.27
CA ARG A 2 8.30 12.85 3.86
C ARG A 2 6.99 12.93 3.07
N GLY A 3 7.09 12.85 1.76
CA GLY A 3 5.93 12.98 0.90
C GLY A 3 5.03 11.75 0.91
N SER A 4 5.57 10.63 1.36
CA SER A 4 4.84 9.38 1.45
C SER A 4 3.52 9.55 2.25
N PRO A 5 2.37 9.26 1.61
CA PRO A 5 1.03 9.48 2.18
C PRO A 5 0.69 8.60 3.38
N ARG A 6 1.37 7.45 3.47
CA ARG A 6 1.12 6.40 4.49
C ARG A 6 -0.24 5.73 4.34
N THR A 7 -1.31 6.50 4.42
CA THR A 7 -2.69 6.00 4.37
C THR A 7 -2.94 5.06 3.17
N GLU A 8 -2.39 5.43 2.01
CA GLU A 8 -2.51 4.62 0.79
C GLU A 8 -1.97 3.22 1.00
N TYR A 9 -0.78 3.16 1.54
CA TYR A 9 -0.06 1.96 1.74
C TYR A 9 -0.66 1.16 2.90
N GLU A 10 -0.86 1.84 3.99
CA GLU A 10 -1.41 1.28 5.20
C GLU A 10 -2.82 0.70 5.00
N ALA A 11 -3.73 1.49 4.44
CA ALA A 11 -5.11 1.03 4.22
C ALA A 11 -5.13 -0.16 3.28
N CYS A 12 -4.27 -0.12 2.28
CA CYS A 12 -4.10 -1.22 1.34
C CYS A 12 -3.75 -2.54 2.08
N ARG A 13 -2.78 -2.44 3.01
CA ARG A 13 -2.36 -3.59 3.82
C ARG A 13 -3.48 -4.06 4.71
N VAL A 14 -4.09 -3.10 5.42
CA VAL A 14 -5.20 -3.36 6.33
C VAL A 14 -6.36 -4.04 5.60
N ARG A 15 -6.65 -3.57 4.40
CA ARG A 15 -7.70 -4.11 3.55
C ARG A 15 -7.54 -5.60 3.39
N CYS A 16 -6.38 -6.04 2.98
CA CYS A 16 -6.16 -7.46 2.84
C CYS A 16 -5.95 -8.17 4.16
N GLN A 17 -5.46 -7.47 5.15
CA GLN A 17 -5.22 -8.05 6.46
C GLN A 17 -6.55 -8.40 7.15
N VAL A 18 -7.58 -7.63 6.87
CA VAL A 18 -8.89 -7.86 7.45
C VAL A 18 -9.81 -8.67 6.50
N ALA A 19 -9.92 -8.24 5.24
CA ALA A 19 -10.85 -8.86 4.30
C ALA A 19 -10.35 -10.22 3.78
N GLU A 20 -9.09 -10.29 3.44
CA GLU A 20 -8.53 -11.53 2.93
C GLU A 20 -8.15 -12.40 4.12
N HIS A 21 -7.29 -11.82 4.98
CA HIS A 21 -6.78 -12.43 6.22
C HIS A 21 -6.04 -13.75 5.95
N GLY A 22 -4.75 -13.64 5.79
CA GLY A 22 -3.90 -14.76 5.52
C GLY A 22 -2.53 -14.28 5.18
N VAL A 23 -1.50 -15.09 5.44
CA VAL A 23 -0.11 -14.68 5.21
C VAL A 23 0.15 -14.39 3.73
N GLU A 24 -0.24 -15.32 2.87
CA GLU A 24 -0.06 -15.17 1.44
C GLU A 24 -0.83 -13.97 0.92
N ARG A 25 -2.04 -13.82 1.40
CA ARG A 25 -2.93 -12.75 1.01
C ARG A 25 -2.37 -11.40 1.44
N GLN A 26 -1.89 -11.34 2.67
CA GLN A 26 -1.32 -10.14 3.23
C GLN A 26 -0.10 -9.71 2.45
N ARG A 27 0.84 -10.62 2.28
CA ARG A 27 2.10 -10.31 1.62
C ARG A 27 1.91 -10.02 0.14
N ARG A 28 0.94 -10.64 -0.47
CA ARG A 28 0.64 -10.42 -1.88
C ARG A 28 0.12 -9.00 -2.07
N CYS A 29 -0.85 -8.64 -1.26
CA CYS A 29 -1.39 -7.31 -1.30
C CYS A 29 -0.35 -6.29 -0.87
N GLN A 30 0.39 -6.60 0.21
CA GLN A 30 1.43 -5.71 0.74
C GLN A 30 2.46 -5.39 -0.33
N GLN A 31 2.77 -6.38 -1.15
CA GLN A 31 3.69 -6.22 -2.25
C GLN A 31 3.16 -5.18 -3.23
N VAL A 32 1.88 -5.26 -3.52
CA VAL A 32 1.22 -4.29 -4.38
C VAL A 32 1.18 -2.92 -3.68
N CYS A 33 0.87 -2.91 -2.38
CA CYS A 33 0.81 -1.68 -1.57
C CYS A 33 2.17 -0.97 -1.61
N GLU A 34 3.21 -1.77 -1.45
CA GLU A 34 4.59 -1.31 -1.49
C GLU A 34 4.87 -0.65 -2.83
N LYS A 35 4.49 -1.32 -3.92
CA LYS A 35 4.69 -0.79 -5.25
C LYS A 35 3.94 0.53 -5.42
N ARG A 36 2.66 0.52 -5.06
CA ARG A 36 1.77 1.71 -5.14
C ARG A 36 2.36 2.89 -4.39
N LEU A 37 2.94 2.63 -3.24
CA LEU A 37 3.52 3.67 -2.42
C LEU A 37 4.78 4.20 -3.10
N ARG A 38 5.55 3.30 -3.69
CA ARG A 38 6.74 3.69 -4.41
C ARG A 38 6.38 4.47 -5.68
N GLU A 39 5.24 4.14 -6.25
CA GLU A 39 4.72 4.88 -7.38
C GLU A 39 4.38 6.30 -6.95
N ARG A 40 3.90 6.44 -5.72
CA ARG A 40 3.60 7.76 -5.15
C ARG A 40 4.90 8.52 -4.93
N GLU A 41 5.96 7.80 -4.64
CA GLU A 41 7.29 8.37 -4.47
C GLU A 41 7.85 8.88 -5.78
N GLY A 42 7.63 8.13 -6.82
CA GLY A 42 8.13 8.49 -8.12
C GLY A 42 7.29 9.55 -8.81
N ARG A 43 5.98 9.30 -8.92
CA ARG A 43 5.08 10.20 -9.64
C ARG A 43 4.96 11.53 -8.91
N ARG A 44 4.92 11.49 -7.61
CA ARG A 44 4.77 12.70 -6.84
C ARG A 44 6.11 13.16 -6.32
N GLU A 45 6.60 14.23 -6.87
CA GLU A 45 7.83 14.82 -6.43
C GLU A 45 7.49 15.75 -5.28
N VAL A 46 7.73 15.30 -4.08
CA VAL A 46 7.38 16.07 -2.90
C VAL A 46 8.61 16.32 -2.05
N ASP A 47 9.47 17.15 -2.56
CA ASP A 47 10.68 17.58 -1.87
C ASP A 47 10.90 19.01 -2.16
N PRO A 1 -6.19 13.76 8.50
CA PRO A 1 -6.76 12.45 8.41
C PRO A 1 -5.79 11.54 7.68
N ARG A 2 -6.10 10.28 7.59
CA ARG A 2 -5.23 9.35 6.96
C ARG A 2 -5.52 9.24 5.48
N GLY A 3 -4.77 9.99 4.73
CA GLY A 3 -4.88 9.98 3.28
C GLY A 3 -3.53 10.21 2.67
N SER A 4 -2.54 10.12 3.50
CA SER A 4 -1.18 10.35 3.14
C SER A 4 -0.60 9.04 2.57
N PRO A 5 0.34 9.15 1.61
CA PRO A 5 0.92 8.00 0.88
C PRO A 5 1.37 6.82 1.76
N ARG A 6 2.16 7.09 2.76
CA ARG A 6 2.77 6.01 3.55
C ARG A 6 1.76 5.34 4.47
N THR A 7 0.82 6.13 4.98
CA THR A 7 -0.17 5.56 5.87
C THR A 7 -1.23 4.76 5.07
N GLU A 8 -1.50 5.19 3.83
CA GLU A 8 -2.42 4.50 2.91
C GLU A 8 -1.83 3.14 2.56
N TYR A 9 -0.56 3.17 2.24
CA TYR A 9 0.20 2.01 1.90
C TYR A 9 0.18 0.96 3.02
N GLU A 10 0.27 1.41 4.26
CA GLU A 10 0.27 0.52 5.40
C GLU A 10 -1.16 -0.01 5.63
N ALA A 11 -2.13 0.89 5.54
CA ALA A 11 -3.54 0.55 5.74
C ALA A 11 -4.02 -0.42 4.68
N CYS A 12 -3.43 -0.34 3.51
CA CYS A 12 -3.74 -1.22 2.40
C CYS A 12 -3.47 -2.68 2.79
N ARG A 13 -2.46 -2.89 3.63
CA ARG A 13 -2.10 -4.21 4.09
C ARG A 13 -3.08 -4.66 5.15
N VAL A 14 -3.44 -3.74 6.04
CA VAL A 14 -4.41 -4.00 7.12
C VAL A 14 -5.78 -4.37 6.52
N ARG A 15 -6.12 -3.66 5.45
CA ARG A 15 -7.32 -3.88 4.68
C ARG A 15 -7.34 -5.34 4.20
N CYS A 16 -6.22 -5.79 3.68
CA CYS A 16 -6.10 -7.15 3.22
C CYS A 16 -6.13 -8.18 4.35
N GLN A 17 -5.74 -7.78 5.55
CA GLN A 17 -5.80 -8.67 6.71
C GLN A 17 -7.24 -9.07 6.99
N VAL A 18 -8.12 -8.10 6.91
CA VAL A 18 -9.53 -8.35 7.16
C VAL A 18 -10.30 -8.80 5.89
N ALA A 19 -9.96 -8.24 4.74
CA ALA A 19 -10.67 -8.57 3.50
C ALA A 19 -10.18 -9.86 2.85
N GLU A 20 -8.89 -9.90 2.48
CA GLU A 20 -8.30 -11.08 1.83
C GLU A 20 -8.29 -12.25 2.80
N HIS A 21 -7.80 -11.95 4.01
CA HIS A 21 -7.64 -12.90 5.08
C HIS A 21 -6.63 -13.98 4.69
N GLY A 22 -5.44 -13.82 5.14
CA GLY A 22 -4.38 -14.71 4.82
C GLY A 22 -3.08 -14.02 4.97
N VAL A 23 -2.13 -14.66 5.61
CA VAL A 23 -0.84 -14.05 5.88
C VAL A 23 -0.10 -13.73 4.59
N GLU A 24 -0.01 -14.72 3.71
CA GLU A 24 0.68 -14.54 2.44
C GLU A 24 -0.12 -13.61 1.54
N ARG A 25 -1.41 -13.55 1.78
CA ARG A 25 -2.30 -12.69 1.01
C ARG A 25 -2.09 -11.23 1.42
N GLN A 26 -1.84 -11.03 2.72
CA GLN A 26 -1.51 -9.73 3.24
C GLN A 26 -0.15 -9.31 2.70
N ARG A 27 0.77 -10.27 2.66
CA ARG A 27 2.10 -10.03 2.12
C ARG A 27 2.04 -9.78 0.62
N ARG A 28 1.09 -10.42 -0.04
CA ARG A 28 0.80 -10.17 -1.43
C ARG A 28 0.38 -8.73 -1.58
N CYS A 29 -0.47 -8.26 -0.69
CA CYS A 29 -0.89 -6.88 -0.68
C CYS A 29 0.25 -5.96 -0.33
N GLN A 30 1.20 -6.42 0.49
CA GLN A 30 2.37 -5.61 0.79
C GLN A 30 3.08 -5.34 -0.52
N GLN A 31 3.33 -6.40 -1.29
CA GLN A 31 3.97 -6.30 -2.59
C GLN A 31 3.16 -5.38 -3.52
N VAL A 32 1.87 -5.68 -3.66
CA VAL A 32 0.97 -4.95 -4.55
C VAL A 32 0.82 -3.46 -4.15
N CYS A 33 0.50 -3.21 -2.90
CA CYS A 33 0.28 -1.84 -2.44
C CYS A 33 1.58 -1.05 -2.46
N GLU A 34 2.70 -1.75 -2.30
CA GLU A 34 4.02 -1.14 -2.38
C GLU A 34 4.25 -0.67 -3.82
N LYS A 35 3.88 -1.53 -4.78
CA LYS A 35 4.01 -1.21 -6.19
C LYS A 35 3.08 -0.07 -6.56
N ARG A 36 1.85 -0.15 -6.06
CA ARG A 36 0.86 0.88 -6.31
C ARG A 36 1.31 2.22 -5.78
N LEU A 37 1.85 2.21 -4.58
CA LEU A 37 2.36 3.40 -3.94
C LEU A 37 3.57 3.90 -4.72
N ARG A 38 4.41 2.97 -5.15
CA ARG A 38 5.60 3.28 -5.92
C ARG A 38 5.25 3.98 -7.20
N GLU A 39 4.21 3.52 -7.86
CA GLU A 39 3.77 4.15 -9.07
C GLU A 39 3.07 5.47 -8.77
N ARG A 40 2.35 5.52 -7.65
CA ARG A 40 1.68 6.75 -7.24
C ARG A 40 2.70 7.86 -6.99
N GLU A 41 3.80 7.52 -6.34
CA GLU A 41 4.83 8.50 -6.10
C GLU A 41 5.68 8.73 -7.36
N GLY A 42 5.94 7.65 -8.09
CA GLY A 42 6.82 7.69 -9.23
C GLY A 42 6.28 8.42 -10.43
N ARG A 43 4.99 8.33 -10.66
CA ARG A 43 4.40 9.00 -11.82
C ARG A 43 4.31 10.50 -11.60
N ARG A 44 4.38 10.89 -10.34
CA ARG A 44 4.34 12.28 -9.96
C ARG A 44 5.77 12.82 -9.84
N GLU A 45 6.63 12.03 -9.24
CA GLU A 45 8.02 12.35 -9.04
C GLU A 45 8.85 11.39 -9.89
N VAL A 46 9.23 11.83 -11.05
CA VAL A 46 9.92 10.98 -11.98
C VAL A 46 11.23 11.61 -12.43
N ASP A 47 12.26 10.82 -12.47
CA ASP A 47 13.52 11.27 -12.98
C ASP A 47 13.90 10.37 -14.10
#